data_5ODU
#
_entry.id   5ODU
#
_cell.length_a   62.904
_cell.length_b   103.342
_cell.length_c   76.086
_cell.angle_alpha   90.00
_cell.angle_beta   93.05
_cell.angle_gamma   90.00
#
_symmetry.space_group_name_H-M   'P 1 21 1'
#
loop_
_entity.id
_entity.type
_entity.pdbx_description
1 polymer PllA
2 non-polymer 'methyl alpha-D-galactopyranoside'
3 non-polymer 'CALCIUM ION'
4 water water
#
_entity_poly.entity_id   1
_entity_poly.type   'polypeptide(L)'
_entity_poly.pdbx_seq_one_letter_code
;MSDWSGSVPANAENGKSTGLILKQGDTISVVAHGWVKYGRDNVEWAAPDGPVPNNPQPSSIATLVAKIANKKFAIGNGVL
HKTVPVDGELILLFNDVPGTFGDNSGEFQVEVIIESRYSPLK
;
_entity_poly.pdbx_strand_id   A,B,C,D,E,F,G,H
#
# COMPACT_ATOMS: atom_id res chain seq x y z
N SER A 2 4.44 -3.91 30.28
CA SER A 2 5.76 -4.45 29.98
C SER A 2 6.80 -3.97 31.00
N ASP A 3 7.93 -4.68 31.07
CA ASP A 3 9.01 -4.26 31.94
C ASP A 3 9.72 -3.04 31.40
N TRP A 4 9.78 -2.89 30.08
CA TRP A 4 10.34 -1.71 29.44
C TRP A 4 9.64 -1.51 28.11
N SER A 5 9.28 -0.27 27.83
CA SER A 5 8.76 0.11 26.53
C SER A 5 9.39 1.44 26.14
N GLY A 6 9.75 1.59 24.87
CA GLY A 6 10.39 2.81 24.43
C GLY A 6 10.74 2.72 22.97
N SER A 7 11.31 3.81 22.48
CA SER A 7 11.69 3.92 21.08
C SER A 7 13.14 3.48 20.90
N VAL A 8 13.43 2.95 19.72
CA VAL A 8 14.78 2.64 19.30
C VAL A 8 15.09 3.45 18.04
N PRO A 9 15.79 4.57 18.17
CA PRO A 9 16.07 5.40 16.99
C PRO A 9 17.04 4.72 16.03
N ALA A 10 16.74 4.83 14.73
CA ALA A 10 17.61 4.25 13.72
C ALA A 10 18.96 4.96 13.62
N ASN A 11 19.04 6.22 14.03
CA ASN A 11 20.28 6.97 13.92
C ASN A 11 21.17 6.85 15.15
N ALA A 12 20.77 6.05 16.13
CA ALA A 12 21.53 5.89 17.38
C ALA A 12 22.57 4.80 17.16
N GLU A 13 23.81 5.19 16.88
CA GLU A 13 24.86 4.22 16.60
C GLU A 13 25.19 3.39 17.84
N ASN A 14 25.04 3.96 19.03
CA ASN A 14 25.31 3.22 20.26
C ASN A 14 24.07 2.51 20.81
N GLY A 15 22.94 2.59 20.10
CA GLY A 15 21.75 1.89 20.51
C GLY A 15 20.98 2.63 21.58
N LYS A 16 19.90 2.00 22.01
CA LYS A 16 19.02 2.52 23.05
C LYS A 16 19.19 1.69 24.31
N SER A 17 19.62 2.33 25.39
CA SER A 17 19.77 1.65 26.67
C SER A 17 18.40 1.49 27.34
N THR A 18 18.09 0.27 27.77
CA THR A 18 16.81 -0.02 28.39
C THR A 18 16.85 0.04 29.92
N GLY A 19 18.03 0.01 30.52
CA GLY A 19 18.13 -0.07 31.96
C GLY A 19 17.86 -1.43 32.55
N LEU A 20 17.41 -2.39 31.74
CA LEU A 20 17.17 -3.74 32.22
C LEU A 20 18.51 -4.47 32.34
N ILE A 21 18.85 -4.88 33.56
CA ILE A 21 20.11 -5.54 33.85
C ILE A 21 19.83 -7.04 33.84
N LEU A 22 20.22 -7.71 32.76
CA LEU A 22 19.93 -9.11 32.57
C LEU A 22 21.06 -9.97 33.11
N LYS A 23 20.69 -11.14 33.61
CA LYS A 23 21.65 -12.13 34.07
C LYS A 23 21.56 -13.37 33.20
N GLN A 24 22.68 -14.07 33.07
CA GLN A 24 22.69 -15.37 32.42
C GLN A 24 21.60 -16.25 33.01
N GLY A 25 20.79 -16.85 32.15
CA GLY A 25 19.71 -17.71 32.57
C GLY A 25 18.35 -17.04 32.64
N ASP A 26 18.30 -15.71 32.69
CA ASP A 26 17.03 -15.02 32.53
C ASP A 26 16.40 -15.39 31.20
N THR A 27 15.09 -15.21 31.12
CA THR A 27 14.37 -15.32 29.85
C THR A 27 13.60 -14.02 29.60
N ILE A 28 13.52 -13.63 28.32
CA ILE A 28 12.90 -12.38 27.93
C ILE A 28 12.03 -12.60 26.69
N SER A 29 11.07 -11.71 26.52
CA SER A 29 10.31 -11.58 25.28
C SER A 29 10.39 -10.15 24.80
N VAL A 30 10.34 -9.98 23.47
CA VAL A 30 10.43 -8.67 22.85
C VAL A 30 9.48 -8.64 21.65
N VAL A 31 8.81 -7.51 21.46
CA VAL A 31 8.10 -7.22 20.22
C VAL A 31 8.49 -5.82 19.78
N ALA A 32 8.67 -5.66 18.47
CA ALA A 32 9.13 -4.40 17.90
C ALA A 32 8.20 -3.98 16.77
N HIS A 33 7.78 -2.73 16.80
CA HIS A 33 6.83 -2.19 15.82
C HIS A 33 7.45 -1.00 15.09
N GLY A 34 6.95 -0.76 13.88
CA GLY A 34 7.23 0.47 13.19
C GLY A 34 8.22 0.32 12.05
N TRP A 35 8.67 1.47 11.58
CA TRP A 35 9.46 1.58 10.36
C TRP A 35 10.54 2.64 10.54
N VAL A 36 11.69 2.40 9.91
CA VAL A 36 12.79 3.36 9.93
C VAL A 36 13.44 3.39 8.54
N LYS A 37 14.21 4.44 8.31
CA LYS A 37 15.03 4.57 7.12
C LYS A 37 16.49 4.36 7.48
N TYR A 38 17.16 3.50 6.73
CA TYR A 38 18.61 3.34 6.86
C TYR A 38 19.36 4.11 5.78
N GLY A 39 18.65 4.93 5.01
CA GLY A 39 19.26 5.77 4.01
C GLY A 39 18.22 6.73 3.46
N ARG A 40 18.69 7.66 2.63
CA ARG A 40 17.83 8.72 2.12
C ARG A 40 16.98 8.26 0.94
N ASP A 41 17.34 7.16 0.27
CA ASP A 41 16.61 6.72 -0.90
C ASP A 41 15.21 6.24 -0.54
N ASN A 42 14.28 6.40 -1.49
CA ASN A 42 12.89 6.02 -1.27
C ASN A 42 12.73 4.54 -0.92
N VAL A 43 13.70 3.70 -1.29
CA VAL A 43 13.59 2.26 -1.06
C VAL A 43 14.24 1.80 0.24
N GLU A 44 14.99 2.66 0.91
CA GLU A 44 15.83 2.23 2.04
C GLU A 44 15.03 2.24 3.35
N TRP A 45 13.96 1.44 3.35
CA TRP A 45 13.11 1.24 4.51
C TRP A 45 13.46 -0.08 5.19
N ALA A 46 13.27 -0.13 6.50
CA ALA A 46 13.48 -1.35 7.26
C ALA A 46 12.41 -1.51 8.33
N ALA A 47 11.89 -2.71 8.44
CA ALA A 47 11.18 -3.15 9.64
C ALA A 47 12.20 -3.66 10.64
N PRO A 48 11.79 -3.92 11.88
CA PRO A 48 12.75 -4.54 12.82
C PRO A 48 13.39 -5.79 12.25
N ASP A 49 12.63 -6.57 11.48
CA ASP A 49 13.17 -7.78 10.87
C ASP A 49 14.29 -7.48 9.88
N GLY A 50 14.28 -6.29 9.28
CA GLY A 50 15.35 -5.89 8.41
C GLY A 50 14.87 -5.08 7.21
N PRO A 51 15.79 -4.80 6.28
CA PRO A 51 15.42 -4.03 5.09
C PRO A 51 14.34 -4.71 4.28
N VAL A 52 13.51 -3.89 3.64
CA VAL A 52 12.54 -4.43 2.68
C VAL A 52 13.28 -5.20 1.60
N PRO A 53 12.87 -6.41 1.23
CA PRO A 53 13.70 -7.25 0.35
C PRO A 53 13.87 -6.74 -1.07
N ASN A 54 13.29 -5.60 -1.45
CA ASN A 54 13.62 -5.04 -2.75
C ASN A 54 14.91 -4.23 -2.73
N ASN A 55 15.59 -4.18 -1.59
CA ASN A 55 16.92 -3.56 -1.49
C ASN A 55 17.65 -4.20 -0.31
N PRO A 56 17.93 -5.49 -0.40
CA PRO A 56 18.47 -6.21 0.76
C PRO A 56 19.90 -5.80 1.06
N GLN A 57 20.26 -5.95 2.34
CA GLN A 57 21.59 -5.60 2.83
C GLN A 57 22.27 -6.83 3.40
N PRO A 58 23.56 -6.77 3.72
CA PRO A 58 24.24 -7.95 4.26
C PRO A 58 23.56 -8.47 5.53
N SER A 59 23.90 -9.71 5.87
CA SER A 59 23.27 -10.39 7.00
C SER A 59 23.33 -9.55 8.28
N SER A 60 22.15 -9.39 8.91
CA SER A 60 21.99 -8.71 10.18
C SER A 60 22.09 -7.19 10.08
N ILE A 61 22.48 -6.66 8.92
CA ILE A 61 22.58 -5.22 8.76
C ILE A 61 21.19 -4.63 8.66
N ALA A 62 20.98 -3.51 9.36
CA ALA A 62 19.72 -2.78 9.35
C ALA A 62 18.57 -3.61 9.93
N THR A 63 18.88 -4.44 10.92
CA THR A 63 17.90 -5.17 11.69
C THR A 63 17.97 -4.72 13.15
N LEU A 64 16.88 -4.96 13.88
CA LEU A 64 16.88 -4.73 15.31
C LEU A 64 17.59 -5.89 16.00
N VAL A 65 18.62 -5.58 16.79
CA VAL A 65 19.36 -6.59 17.54
C VAL A 65 19.41 -6.17 19.01
N ALA A 66 19.74 -7.14 19.85
CA ALA A 66 19.99 -6.88 21.26
C ALA A 66 21.49 -6.93 21.50
N LYS A 67 22.01 -5.91 22.16
CA LYS A 67 23.40 -5.86 22.59
C LYS A 67 23.45 -6.10 24.09
N ILE A 68 24.16 -7.15 24.50
CA ILE A 68 24.36 -7.47 25.91
C ILE A 68 25.85 -7.75 26.09
N ALA A 69 26.50 -6.96 26.94
CA ALA A 69 27.93 -7.07 27.16
C ALA A 69 28.69 -7.07 25.84
N ASN A 70 28.29 -6.17 24.94
CA ASN A 70 28.94 -5.98 23.66
C ASN A 70 28.87 -7.21 22.76
N LYS A 71 27.99 -8.15 23.06
CA LYS A 71 27.65 -9.24 22.16
C LYS A 71 26.26 -8.98 21.58
N LYS A 72 26.07 -9.31 20.31
CA LYS A 72 24.86 -9.00 19.58
C LYS A 72 24.03 -10.26 19.36
N PHE A 73 22.72 -10.13 19.56
CA PHE A 73 21.77 -11.21 19.37
C PHE A 73 20.63 -10.74 18.49
N ALA A 74 20.11 -11.65 17.67
CA ALA A 74 19.01 -11.32 16.78
C ALA A 74 17.72 -11.14 17.56
N ILE A 75 16.94 -10.12 17.17
CA ILE A 75 15.64 -9.85 17.76
C ILE A 75 14.62 -9.68 16.64
N GLY A 76 14.88 -8.75 15.73
CA GLY A 76 13.96 -8.51 14.64
C GLY A 76 12.60 -8.06 15.16
N ASN A 77 11.54 -8.55 14.51
CA ASN A 77 10.19 -8.17 14.91
C ASN A 77 9.85 -8.63 16.32
N GLY A 78 10.57 -9.61 16.86
CA GLY A 78 10.33 -10.02 18.23
C GLY A 78 10.83 -11.41 18.49
N VAL A 79 10.91 -11.74 19.78
CA VAL A 79 11.28 -13.06 20.26
C VAL A 79 10.44 -13.37 21.50
N LEU A 80 10.17 -14.66 21.72
CA LEU A 80 9.36 -15.11 22.84
C LEU A 80 10.18 -16.03 23.74
N HIS A 81 10.28 -15.67 25.01
CA HIS A 81 10.80 -16.56 26.06
C HIS A 81 12.18 -17.12 25.70
N LYS A 82 13.08 -16.21 25.32
CA LYS A 82 14.44 -16.60 24.97
C LYS A 82 15.37 -16.48 26.16
N THR A 83 16.26 -17.45 26.30
CA THR A 83 17.22 -17.47 27.41
C THR A 83 18.39 -16.54 27.09
N VAL A 84 18.75 -15.70 28.07
CA VAL A 84 19.89 -14.80 27.97
C VAL A 84 21.16 -15.56 28.31
N PRO A 85 22.17 -15.60 27.43
CA PRO A 85 23.39 -16.36 27.74
C PRO A 85 24.50 -15.58 28.43
N VAL A 86 24.36 -14.26 28.63
CA VAL A 86 25.42 -13.44 29.19
C VAL A 86 24.82 -12.35 30.07
N ASP A 87 25.63 -11.83 30.99
CA ASP A 87 25.21 -10.74 31.86
C ASP A 87 25.39 -9.40 31.16
N GLY A 88 24.55 -8.44 31.52
CA GLY A 88 24.73 -7.08 31.06
C GLY A 88 23.40 -6.38 30.87
N GLU A 89 23.47 -5.05 30.79
CA GLU A 89 22.30 -4.25 30.48
C GLU A 89 21.84 -4.53 29.05
N LEU A 90 20.52 -4.58 28.87
CA LEU A 90 19.96 -4.78 27.54
C LEU A 90 20.01 -3.47 26.76
N ILE A 91 20.76 -3.46 25.67
CA ILE A 91 20.78 -2.36 24.72
C ILE A 91 20.11 -2.83 23.44
N LEU A 92 19.13 -2.06 22.98
CA LEU A 92 18.47 -2.34 21.70
C LEU A 92 19.08 -1.46 20.63
N LEU A 93 19.50 -2.09 19.52
CA LEU A 93 20.31 -1.42 18.51
C LEU A 93 19.75 -1.69 17.12
N PHE A 94 19.61 -0.63 16.32
CA PHE A 94 19.42 -0.76 14.88
C PHE A 94 20.79 -1.00 14.27
N ASN A 95 21.01 -2.21 13.76
CA ASN A 95 22.37 -2.69 13.47
C ASN A 95 22.82 -2.26 12.07
N ASP A 96 22.91 -0.95 11.88
CA ASP A 96 23.40 -0.43 10.62
C ASP A 96 24.92 -0.57 10.56
N VAL A 97 25.47 -0.41 9.36
CA VAL A 97 26.93 -0.49 9.21
C VAL A 97 27.57 0.62 10.03
N PRO A 98 28.64 0.35 10.78
CA PRO A 98 29.26 1.43 11.56
C PRO A 98 29.69 2.58 10.66
N GLY A 99 29.43 3.80 11.13
CA GLY A 99 29.76 5.00 10.41
C GLY A 99 28.73 5.45 9.39
N THR A 100 27.65 4.70 9.21
CA THR A 100 26.62 5.03 8.22
C THR A 100 25.27 5.34 8.86
N PHE A 101 25.26 5.74 10.14
CA PHE A 101 24.02 6.08 10.81
C PHE A 101 23.54 7.49 10.50
N GLY A 102 24.36 8.30 9.82
CA GLY A 102 24.01 9.70 9.62
C GLY A 102 22.83 9.91 8.70
N ASP A 103 22.57 8.99 7.78
CA ASP A 103 21.46 9.10 6.86
C ASP A 103 20.24 8.29 7.32
N ASN A 104 20.20 7.91 8.59
CA ASN A 104 19.08 7.17 9.15
C ASN A 104 18.07 8.11 9.79
N SER A 105 16.82 7.67 9.82
CA SER A 105 15.76 8.44 10.48
C SER A 105 14.67 7.48 10.93
N GLY A 106 13.82 7.98 11.82
CA GLY A 106 12.73 7.19 12.35
C GLY A 106 13.15 6.39 13.57
N GLU A 107 12.16 5.74 14.18
CA GLU A 107 12.38 4.94 15.37
C GLU A 107 11.36 3.82 15.42
N PHE A 108 11.79 2.68 15.96
CA PHE A 108 10.89 1.58 16.28
C PHE A 108 10.27 1.80 17.65
N GLN A 109 9.10 1.21 17.86
CA GLN A 109 8.47 1.14 19.18
C GLN A 109 8.62 -0.29 19.68
N VAL A 110 9.28 -0.47 20.83
CA VAL A 110 9.68 -1.78 21.29
C VAL A 110 9.18 -2.00 22.72
N GLU A 111 8.75 -3.22 23.00
CA GLU A 111 8.35 -3.65 24.33
C GLU A 111 9.20 -4.84 24.73
N VAL A 112 9.67 -4.85 25.96
CA VAL A 112 10.50 -5.93 26.50
C VAL A 112 9.86 -6.41 27.80
N ILE A 113 9.70 -7.72 27.93
CA ILE A 113 9.25 -8.35 29.17
C ILE A 113 10.33 -9.31 29.62
N ILE A 114 10.75 -9.18 30.87
CA ILE A 114 11.60 -10.19 31.51
C ILE A 114 10.66 -11.29 32.01
N GLU A 115 10.64 -12.42 31.30
CA GLU A 115 9.69 -13.49 31.61
C GLU A 115 10.06 -14.24 32.87
N SER A 116 11.35 -14.36 33.17
CA SER A 116 11.79 -15.01 34.40
C SER A 116 13.22 -14.60 34.71
N ARG A 117 13.54 -14.58 36.00
CA ARG A 117 14.90 -14.38 36.48
C ARG A 117 15.49 -15.74 36.84
N TYR A 118 16.76 -15.94 36.51
CA TYR A 118 17.36 -17.25 36.61
C TYR A 118 17.27 -17.79 38.04
N SER A 119 16.73 -18.99 38.16
CA SER A 119 16.73 -19.75 39.41
C SER A 119 16.58 -21.22 39.07
N PRO A 120 17.59 -22.05 39.31
CA PRO A 120 17.52 -23.45 38.89
C PRO A 120 16.80 -24.33 39.90
N LEU A 121 16.24 -25.42 39.39
CA LEU A 121 15.81 -26.51 40.26
C LEU A 121 17.02 -27.04 41.01
N LYS A 122 16.83 -27.34 42.29
CA LYS A 122 17.89 -27.88 43.14
C LYS A 122 17.39 -29.11 43.87
N SER B 2 11.30 26.86 1.18
CA SER B 2 10.24 26.13 0.50
C SER B 2 10.48 24.63 0.55
N ASP B 3 9.40 23.85 0.48
CA ASP B 3 9.54 22.42 0.28
C ASP B 3 10.18 22.11 -1.06
N TRP B 4 9.97 22.99 -2.05
CA TRP B 4 10.66 22.90 -3.33
C TRP B 4 10.68 24.28 -3.96
N SER B 5 11.83 24.63 -4.53
CA SER B 5 11.95 25.83 -5.35
C SER B 5 12.82 25.50 -6.56
N GLY B 6 12.45 26.04 -7.70
CA GLY B 6 13.20 25.77 -8.93
C GLY B 6 12.55 26.45 -10.11
N SER B 7 13.12 26.19 -11.27
CA SER B 7 12.65 26.79 -12.51
C SER B 7 11.71 25.85 -13.25
N VAL B 8 10.75 26.43 -13.93
CA VAL B 8 9.85 25.71 -14.84
C VAL B 8 10.08 26.24 -16.24
N PRO B 9 10.82 25.52 -17.08
CA PRO B 9 11.10 26.02 -18.44
C PRO B 9 9.84 26.00 -19.31
N ALA B 10 9.70 27.06 -20.11
CA ALA B 10 8.56 27.16 -21.02
C ALA B 10 8.61 26.11 -22.12
N ASN B 11 9.80 25.64 -22.49
CA ASN B 11 9.94 24.71 -23.59
C ASN B 11 9.89 23.24 -23.16
N ALA B 12 9.62 22.97 -21.88
CA ALA B 12 9.59 21.62 -21.37
C ALA B 12 8.17 21.08 -21.53
N GLU B 13 7.96 20.27 -22.58
CA GLU B 13 6.62 19.75 -22.84
C GLU B 13 6.14 18.81 -21.74
N ASN B 14 7.07 18.17 -21.02
CA ASN B 14 6.70 17.29 -19.92
C ASN B 14 6.70 18.01 -18.58
N GLY B 15 7.02 19.30 -18.54
CA GLY B 15 7.04 20.04 -17.31
C GLY B 15 8.27 19.75 -16.47
N LYS B 16 8.20 20.19 -15.22
CA LYS B 16 9.29 20.07 -14.25
C LYS B 16 8.79 19.24 -13.07
N SER B 17 9.43 18.11 -12.83
CA SER B 17 9.08 17.27 -11.69
C SER B 17 9.72 17.83 -10.43
N THR B 18 8.91 18.03 -9.40
CA THR B 18 9.40 18.63 -8.15
C THR B 18 9.91 17.60 -7.16
N GLY B 19 9.61 16.32 -7.35
CA GLY B 19 9.93 15.31 -6.37
C GLY B 19 9.03 15.29 -5.16
N LEU B 20 8.07 16.21 -5.06
CA LEU B 20 7.14 16.23 -3.94
C LEU B 20 6.01 15.23 -4.21
N ILE B 21 5.85 14.27 -3.31
CA ILE B 21 4.83 13.24 -3.41
C ILE B 21 3.66 13.67 -2.55
N LEU B 22 2.57 14.10 -3.19
CA LEU B 22 1.41 14.63 -2.51
C LEU B 22 0.36 13.53 -2.31
N LYS B 23 -0.43 13.69 -1.26
CA LYS B 23 -1.51 12.77 -0.94
C LYS B 23 -2.82 13.54 -0.82
N GLN B 24 -3.91 12.86 -1.16
CA GLN B 24 -5.23 13.44 -0.99
C GLN B 24 -5.41 13.94 0.43
N GLY B 25 -5.78 15.21 0.55
CA GLY B 25 -5.97 15.85 1.83
C GLY B 25 -4.82 16.72 2.28
N ASP B 26 -3.64 16.55 1.68
CA ASP B 26 -2.57 17.51 1.90
C ASP B 26 -3.04 18.89 1.45
N THR B 27 -2.38 19.92 1.98
CA THR B 27 -2.58 21.27 1.48
C THR B 27 -1.25 21.86 1.06
N ILE B 28 -1.28 22.73 0.06
CA ILE B 28 -0.08 23.30 -0.53
C ILE B 28 -0.30 24.78 -0.85
N SER B 29 0.80 25.51 -0.89
CA SER B 29 0.84 26.86 -1.42
C SER B 29 1.92 26.95 -2.48
N VAL B 30 1.70 27.79 -3.48
CA VAL B 30 2.63 27.98 -4.58
C VAL B 30 2.62 29.45 -4.97
N VAL B 31 3.80 29.99 -5.27
CA VAL B 31 3.92 31.28 -5.94
C VAL B 31 4.90 31.12 -7.10
N ALA B 32 4.60 31.80 -8.20
CA ALA B 32 5.38 31.70 -9.43
C ALA B 32 5.70 33.10 -9.93
N HIS B 33 6.96 33.32 -10.27
CA HIS B 33 7.45 34.59 -10.76
C HIS B 33 8.03 34.43 -12.16
N GLY B 34 8.10 35.53 -12.89
CA GLY B 34 8.88 35.59 -14.10
C GLY B 34 8.04 35.61 -15.37
N TRP B 35 8.74 35.46 -16.49
CA TRP B 35 8.17 35.66 -17.81
C TRP B 35 8.72 34.63 -18.77
N VAL B 36 7.87 34.19 -19.70
CA VAL B 36 8.26 33.28 -20.76
C VAL B 36 7.67 33.77 -22.07
N LYS B 37 8.27 33.30 -23.16
CA LYS B 37 7.68 33.46 -24.49
C LYS B 37 7.11 32.12 -24.92
N TYR B 38 5.86 32.13 -25.39
CA TYR B 38 5.25 30.95 -25.96
C TYR B 38 5.26 30.97 -27.48
N GLY B 39 5.95 31.93 -28.08
CA GLY B 39 6.13 32.00 -29.52
C GLY B 39 7.18 33.03 -29.87
N ARG B 40 7.49 33.09 -31.16
CA ARG B 40 8.56 33.99 -31.63
C ARG B 40 8.09 35.44 -31.77
N ASP B 41 6.79 35.68 -31.87
CA ASP B 41 6.29 37.04 -32.03
C ASP B 41 6.59 37.86 -30.77
N ASN B 42 6.77 39.17 -30.98
CA ASN B 42 7.08 40.06 -29.87
C ASN B 42 5.97 40.11 -28.83
N VAL B 43 4.73 39.79 -29.22
CA VAL B 43 3.60 39.88 -28.30
C VAL B 43 3.34 38.58 -27.55
N GLU B 44 3.97 37.48 -27.95
CA GLU B 44 3.67 36.17 -27.35
C GLU B 44 4.44 35.96 -26.06
N TRP B 45 4.14 36.83 -25.09
CA TRP B 45 4.66 36.75 -23.73
C TRP B 45 3.59 36.19 -22.79
N ALA B 46 4.04 35.50 -21.74
CA ALA B 46 3.12 34.98 -20.74
C ALA B 46 3.73 35.09 -19.36
N ALA B 47 2.91 35.50 -18.40
CA ALA B 47 3.20 35.31 -16.98
C ALA B 47 2.63 33.96 -16.55
N PRO B 48 2.91 33.53 -15.32
CA PRO B 48 2.29 32.28 -14.85
C PRO B 48 0.78 32.27 -15.02
N ASP B 49 0.13 33.42 -14.78
CA ASP B 49 -1.31 33.52 -14.94
C ASP B 49 -1.76 33.25 -16.37
N GLY B 50 -0.90 33.50 -17.35
CA GLY B 50 -1.21 33.21 -18.73
C GLY B 50 -0.68 34.24 -19.70
N PRO B 51 -1.15 34.17 -20.95
CA PRO B 51 -0.72 35.13 -21.96
C PRO B 51 -1.08 36.55 -21.58
N VAL B 52 -0.22 37.49 -21.98
CA VAL B 52 -0.60 38.90 -21.89
C VAL B 52 -1.90 39.11 -22.67
N PRO B 53 -2.90 39.81 -22.12
CA PRO B 53 -4.24 39.78 -22.73
C PRO B 53 -4.34 40.45 -24.10
N ASN B 54 -3.29 41.10 -24.59
CA ASN B 54 -3.35 41.66 -25.94
C ASN B 54 -3.10 40.60 -27.02
N ASN B 55 -2.89 39.34 -26.63
CA ASN B 55 -2.79 38.24 -27.56
C ASN B 55 -3.33 36.99 -26.89
N PRO B 56 -4.62 36.97 -26.57
CA PRO B 56 -5.17 35.89 -25.74
C PRO B 56 -5.16 34.54 -26.44
N GLN B 57 -5.08 33.48 -25.62
CA GLN B 57 -5.09 32.10 -26.11
C GLN B 57 -6.25 31.35 -25.47
N PRO B 58 -6.58 30.16 -25.96
CA PRO B 58 -7.71 29.41 -25.38
C PRO B 58 -7.53 29.13 -23.90
N SER B 59 -8.65 28.81 -23.26
CA SER B 59 -8.68 28.60 -21.81
C SER B 59 -7.60 27.63 -21.36
N SER B 60 -6.80 28.07 -20.40
CA SER B 60 -5.75 27.32 -19.71
C SER B 60 -4.48 27.21 -20.56
N ILE B 61 -4.49 27.61 -21.82
CA ILE B 61 -3.30 27.49 -22.65
C ILE B 61 -2.28 28.53 -22.24
N ALA B 62 -1.01 28.13 -22.24
CA ALA B 62 0.11 29.03 -21.92
C ALA B 62 -0.03 29.62 -20.52
N THR B 63 -0.52 28.79 -19.59
CA THR B 63 -0.57 29.13 -18.18
C THR B 63 0.24 28.09 -17.40
N LEU B 64 0.65 28.47 -16.19
CA LEU B 64 1.31 27.54 -15.30
C LEU B 64 0.26 26.67 -14.62
N VAL B 65 0.38 25.35 -14.77
CA VAL B 65 -0.55 24.42 -14.16
C VAL B 65 0.23 23.40 -13.35
N ALA B 66 -0.48 22.69 -12.49
CA ALA B 66 0.06 21.57 -11.73
C ALA B 66 -0.50 20.28 -12.30
N LYS B 67 0.39 19.33 -12.58
CA LYS B 67 0.00 17.99 -12.95
C LYS B 67 0.19 17.08 -11.75
N ILE B 68 -0.90 16.41 -11.34
CA ILE B 68 -0.87 15.43 -10.27
C ILE B 68 -1.66 14.22 -10.75
N ALA B 69 -0.97 13.09 -10.93
CA ALA B 69 -1.61 11.87 -11.40
C ALA B 69 -2.27 12.09 -12.77
N ASN B 70 -1.55 12.76 -13.66
CA ASN B 70 -1.98 12.97 -15.04
C ASN B 70 -3.28 13.77 -15.14
N LYS B 71 -3.63 14.53 -14.10
CA LYS B 71 -4.70 15.51 -14.18
C LYS B 71 -4.13 16.88 -13.86
N LYS B 72 -4.77 17.91 -14.38
CA LYS B 72 -4.23 19.27 -14.37
C LYS B 72 -5.05 20.17 -13.45
N PHE B 73 -4.35 21.02 -12.72
CA PHE B 73 -4.96 21.97 -11.81
C PHE B 73 -4.38 23.35 -12.07
N ALA B 74 -5.24 24.37 -11.99
CA ALA B 74 -4.78 25.73 -12.19
C ALA B 74 -3.83 26.14 -11.06
N ILE B 75 -2.77 26.85 -11.43
CA ILE B 75 -1.85 27.44 -10.46
C ILE B 75 -1.70 28.91 -10.81
N GLY B 76 -1.24 29.20 -12.01
CA GLY B 76 -1.01 30.57 -12.42
C GLY B 76 0.04 31.21 -11.55
N ASN B 77 -0.20 32.47 -11.19
CA ASN B 77 0.73 33.21 -10.35
C ASN B 77 0.87 32.62 -8.96
N GLY B 78 -0.09 31.82 -8.52
CA GLY B 78 0.06 31.06 -7.28
C GLY B 78 -1.28 30.75 -6.66
N VAL B 79 -1.22 29.94 -5.60
CA VAL B 79 -2.38 29.54 -4.82
C VAL B 79 -1.96 29.44 -3.36
N LEU B 80 -2.92 29.63 -2.45
CA LEU B 80 -2.65 29.60 -1.02
C LEU B 80 -3.50 28.53 -0.35
N HIS B 81 -2.85 27.61 0.35
CA HIS B 81 -3.50 26.63 1.21
C HIS B 81 -4.64 25.91 0.50
N LYS B 82 -4.32 25.29 -0.62
CA LYS B 82 -5.27 24.52 -1.40
C LYS B 82 -5.15 23.05 -1.04
N THR B 83 -6.30 22.38 -0.92
CA THR B 83 -6.33 20.97 -0.59
C THR B 83 -6.11 20.14 -1.85
N VAL B 84 -5.23 19.15 -1.74
CA VAL B 84 -4.90 18.28 -2.87
C VAL B 84 -5.99 17.20 -2.98
N PRO B 85 -6.63 17.04 -4.15
CA PRO B 85 -7.69 16.03 -4.28
C PRO B 85 -7.24 14.63 -4.68
N VAL B 86 -5.99 14.43 -5.12
CA VAL B 86 -5.54 13.12 -5.58
C VAL B 86 -4.09 12.89 -5.17
N ASP B 87 -3.72 11.62 -5.07
CA ASP B 87 -2.34 11.23 -4.80
C ASP B 87 -1.50 11.35 -6.06
N GLY B 88 -0.28 11.84 -5.91
CA GLY B 88 0.67 11.81 -7.01
C GLY B 88 1.80 12.80 -6.81
N GLU B 89 2.85 12.61 -7.60
CA GLU B 89 3.95 13.55 -7.61
C GLU B 89 3.50 14.87 -8.24
N LEU B 90 3.94 15.97 -7.65
CA LEU B 90 3.61 17.29 -8.19
C LEU B 90 4.54 17.61 -9.35
N ILE B 91 3.97 17.78 -10.54
CA ILE B 91 4.69 18.20 -11.73
C ILE B 91 4.18 19.58 -12.10
N LEU B 92 5.10 20.52 -12.33
CA LEU B 92 4.75 21.88 -12.73
C LEU B 92 4.99 22.04 -14.22
N LEU B 93 3.97 22.56 -14.92
CA LEU B 93 3.97 22.55 -16.38
C LEU B 93 3.51 23.89 -16.93
N PHE B 94 4.25 24.40 -17.92
CA PHE B 94 3.76 25.49 -18.75
C PHE B 94 2.84 24.87 -19.80
N ASN B 95 1.54 25.12 -19.66
CA ASN B 95 0.52 24.36 -20.38
C ASN B 95 0.31 24.90 -21.80
N ASP B 96 1.38 24.87 -22.58
CA ASP B 96 1.27 25.22 -23.99
C ASP B 96 0.60 24.10 -24.77
N VAL B 97 0.16 24.41 -25.98
CA VAL B 97 -0.49 23.39 -26.81
C VAL B 97 0.53 22.29 -27.14
N PRO B 98 0.18 21.02 -27.03
CA PRO B 98 1.14 19.96 -27.41
C PRO B 98 1.66 20.14 -28.82
N GLY B 99 2.97 19.95 -28.97
CA GLY B 99 3.61 20.09 -30.26
C GLY B 99 4.11 21.49 -30.58
N THR B 100 3.82 22.48 -29.71
CA THR B 100 4.21 23.86 -29.97
C THR B 100 5.21 24.38 -28.94
N PHE B 101 5.89 23.50 -28.22
CA PHE B 101 6.87 23.95 -27.24
C PHE B 101 8.19 24.38 -27.86
N GLY B 102 8.40 24.10 -29.16
CA GLY B 102 9.68 24.35 -29.79
C GLY B 102 10.00 25.82 -30.03
N ASP B 103 8.99 26.69 -30.01
CA ASP B 103 9.21 28.12 -30.15
C ASP B 103 9.08 28.85 -28.82
N ASN B 104 9.19 28.13 -27.71
CA ASN B 104 9.11 28.70 -26.38
C ASN B 104 10.50 28.99 -25.83
N SER B 105 10.57 29.94 -24.90
CA SER B 105 11.83 30.29 -24.25
C SER B 105 11.54 30.90 -22.89
N GLY B 106 12.55 30.86 -22.04
CA GLY B 106 12.44 31.40 -20.70
C GLY B 106 11.94 30.37 -19.71
N GLU B 107 11.83 30.81 -18.46
CA GLU B 107 11.41 29.92 -17.38
C GLU B 107 10.83 30.76 -16.26
N PHE B 108 9.85 30.17 -15.57
CA PHE B 108 9.31 30.75 -14.36
C PHE B 108 10.14 30.30 -13.16
N GLN B 109 10.19 31.16 -12.14
CA GLN B 109 10.75 30.80 -10.84
C GLN B 109 9.58 30.50 -9.91
N VAL B 110 9.57 29.29 -9.34
CA VAL B 110 8.42 28.82 -8.59
C VAL B 110 8.85 28.32 -7.22
N GLU B 111 8.02 28.57 -6.22
CA GLU B 111 8.19 28.06 -4.87
C GLU B 111 6.96 27.27 -4.47
N VAL B 112 7.17 26.12 -3.84
CA VAL B 112 6.09 25.26 -3.37
C VAL B 112 6.30 24.97 -1.90
N ILE B 113 5.24 25.09 -1.11
CA ILE B 113 5.25 24.73 0.30
C ILE B 113 4.15 23.71 0.53
N ILE B 114 4.50 22.59 1.16
CA ILE B 114 3.48 21.66 1.66
C ILE B 114 3.04 22.20 3.01
N GLU B 115 1.86 22.84 3.02
CA GLU B 115 1.38 23.49 4.24
C GLU B 115 1.01 22.47 5.31
N SER B 116 0.49 21.31 4.91
CA SER B 116 0.13 20.28 5.88
C SER B 116 0.01 18.95 5.18
N ARG B 117 0.24 17.88 5.94
CA ARG B 117 0.02 16.51 5.48
C ARG B 117 -1.27 15.98 6.11
N TYR B 118 -2.08 15.29 5.30
CA TYR B 118 -3.43 14.94 5.73
C TYR B 118 -3.41 14.17 7.04
N SER B 119 -4.12 14.71 8.03
CA SER B 119 -4.33 14.06 9.31
C SER B 119 -5.64 14.57 9.89
N PRO B 120 -6.70 13.76 9.88
CA PRO B 120 -8.00 14.25 10.36
C PRO B 120 -8.13 14.16 11.87
N LEU B 121 -8.97 15.05 12.41
CA LEU B 121 -9.43 14.88 13.77
C LEU B 121 -10.13 13.54 13.90
N LYS B 122 -9.91 12.86 15.02
CA LYS B 122 -10.51 11.56 15.25
C LYS B 122 -10.87 11.38 16.72
N SER C 2 6.85 -23.14 21.04
CA SER C 2 5.60 -22.40 20.97
C SER C 2 4.41 -23.36 20.98
N ASP C 3 3.23 -22.83 21.32
CA ASP C 3 2.01 -23.64 21.22
C ASP C 3 1.63 -23.89 19.77
N TRP C 4 1.88 -22.92 18.90
CA TRP C 4 1.66 -23.08 17.47
C TRP C 4 2.68 -22.22 16.73
N SER C 5 3.31 -22.81 15.73
CA SER C 5 4.17 -22.06 14.82
C SER C 5 3.87 -22.51 13.40
N GLY C 6 3.76 -21.55 12.49
CA GLY C 6 3.45 -21.90 11.13
C GLY C 6 3.46 -20.67 10.24
N SER C 7 3.04 -20.88 9.00
CA SER C 7 3.01 -19.83 8.01
C SER C 7 1.61 -19.25 7.87
N VAL C 8 1.56 -17.95 7.59
CA VAL C 8 0.32 -17.26 7.27
C VAL C 8 0.46 -16.73 5.85
N PRO C 9 -0.14 -17.40 4.86
CA PRO C 9 0.00 -16.94 3.47
C PRO C 9 -0.75 -15.64 3.23
N ALA C 10 -0.12 -14.75 2.46
CA ALA C 10 -0.76 -13.50 2.10
C ALA C 10 -1.96 -13.71 1.17
N ASN C 11 -1.94 -14.77 0.37
CA ASN C 11 -3.00 -15.02 -0.59
C ASN C 11 -4.17 -15.80 0.00
N ALA C 12 -4.16 -16.09 1.29
CA ALA C 12 -5.21 -16.90 1.91
C ALA C 12 -6.29 -15.95 2.43
N GLU C 13 -7.35 -15.77 1.64
CA GLU C 13 -8.38 -14.81 1.99
C GLU C 13 -9.12 -15.20 3.26
N ASN C 14 -9.16 -16.49 3.58
CA ASN C 14 -9.81 -16.96 4.80
C ASN C 14 -8.84 -17.13 5.95
N GLY C 15 -7.56 -16.82 5.75
CA GLY C 15 -6.60 -16.88 6.82
C GLY C 15 -6.06 -18.28 7.06
N LYS C 16 -5.30 -18.40 8.14
CA LYS C 16 -4.68 -19.65 8.55
C LYS C 16 -5.22 -20.03 9.91
N SER C 17 -5.90 -21.17 9.98
CA SER C 17 -6.43 -21.66 11.25
C SER C 17 -5.30 -22.34 12.03
N THR C 18 -5.16 -21.95 13.30
CA THR C 18 -4.09 -22.48 14.14
C THR C 18 -4.49 -23.74 14.90
N GLY C 19 -5.78 -24.03 15.01
CA GLY C 19 -6.24 -25.10 15.86
C GLY C 19 -6.28 -24.78 17.33
N LEU C 20 -5.79 -23.62 17.74
CA LEU C 20 -5.83 -23.22 19.15
C LEU C 20 -7.24 -22.74 19.49
N ILE C 21 -7.86 -23.37 20.47
CA ILE C 21 -9.20 -23.00 20.91
C ILE C 21 -9.05 -22.11 22.14
N LEU C 22 -9.30 -20.82 21.96
CA LEU C 22 -9.12 -19.84 23.01
C LEU C 22 -10.43 -19.56 23.72
N LYS C 23 -10.33 -19.31 25.03
CA LYS C 23 -11.46 -18.90 25.85
C LYS C 23 -11.23 -17.47 26.34
N GLN C 24 -12.33 -16.76 26.55
CA GLN C 24 -12.25 -15.44 27.18
C GLN C 24 -11.49 -15.56 28.49
N GLY C 25 -10.51 -14.67 28.69
CA GLY C 25 -9.67 -14.67 29.87
C GLY C 25 -8.31 -15.31 29.67
N ASP C 26 -8.15 -16.15 28.65
CA ASP C 26 -6.82 -16.61 28.30
C ASP C 26 -5.94 -15.43 27.93
N THR C 27 -4.63 -15.61 28.07
CA THR C 27 -3.66 -14.63 27.59
C THR C 27 -2.73 -15.30 26.60
N ILE C 28 -2.32 -14.55 25.58
CA ILE C 28 -1.50 -15.08 24.50
C ILE C 28 -0.40 -14.09 24.14
N SER C 29 0.66 -14.62 23.55
CA SER C 29 1.72 -13.83 22.96
C SER C 29 1.93 -14.29 21.53
N VAL C 30 2.25 -13.35 20.64
CA VAL C 30 2.44 -13.65 19.23
C VAL C 30 3.64 -12.85 18.73
N VAL C 31 4.47 -13.48 17.90
CA VAL C 31 5.48 -12.77 17.13
C VAL C 31 5.41 -13.25 15.69
N ALA C 32 5.58 -12.32 14.75
CA ALA C 32 5.46 -12.61 13.34
C ALA C 32 6.65 -12.04 12.59
N HIS C 33 7.25 -12.85 11.72
CA HIS C 33 8.41 -12.48 10.95
C HIS C 33 8.12 -12.57 9.46
N GLY C 34 8.90 -11.85 8.68
CA GLY C 34 8.97 -12.07 7.24
C GLY C 34 8.30 -10.98 6.43
N TRP C 35 8.11 -11.29 5.15
CA TRP C 35 7.70 -10.32 4.15
C TRP C 35 6.69 -10.96 3.21
N VAL C 36 5.72 -10.16 2.76
CA VAL C 36 4.76 -10.61 1.76
C VAL C 36 4.56 -9.50 0.75
N LYS C 37 4.02 -9.88 -0.41
CA LYS C 37 3.54 -8.93 -1.40
C LYS C 37 2.02 -8.90 -1.33
N TYR C 38 1.45 -7.71 -1.27
CA TYR C 38 0.01 -7.54 -1.39
C TYR C 38 -0.38 -7.05 -2.78
N GLY C 39 0.58 -6.93 -3.68
CA GLY C 39 0.34 -6.63 -5.08
C GLY C 39 1.59 -6.93 -5.86
N ARG C 40 1.47 -6.85 -7.19
CA ARG C 40 2.57 -7.20 -8.08
C ARG C 40 3.56 -6.07 -8.29
N ASP C 41 3.27 -4.85 -7.82
CA ASP C 41 4.19 -3.74 -8.01
C ASP C 41 5.39 -3.88 -7.08
N ASN C 42 6.52 -3.32 -7.52
CA ASN C 42 7.76 -3.45 -6.77
C ASN C 42 7.66 -2.84 -5.37
N VAL C 43 6.72 -1.92 -5.15
CA VAL C 43 6.61 -1.25 -3.85
C VAL C 43 5.59 -1.90 -2.93
N GLU C 44 4.85 -2.89 -3.39
CA GLU C 44 3.71 -3.42 -2.64
C GLU C 44 4.16 -4.54 -1.70
N TRP C 45 5.07 -4.18 -0.80
CA TRP C 45 5.58 -5.05 0.24
C TRP C 45 4.89 -4.78 1.56
N ALA C 46 4.81 -5.81 2.40
CA ALA C 46 4.24 -5.64 3.73
C ALA C 46 4.98 -6.51 4.73
N ALA C 47 5.30 -5.91 5.87
CA ALA C 47 5.64 -6.63 7.09
C ALA C 47 4.36 -6.96 7.83
N PRO C 48 4.43 -7.82 8.85
CA PRO C 48 3.22 -8.07 9.65
C PRO C 48 2.57 -6.79 10.14
N ASP C 49 3.38 -5.77 10.47
CA ASP C 49 2.85 -4.49 10.93
C ASP C 49 2.05 -3.76 9.86
N GLY C 50 2.24 -4.11 8.59
CA GLY C 50 1.51 -3.47 7.53
C GLY C 50 2.36 -3.11 6.33
N PRO C 51 1.77 -2.40 5.37
CA PRO C 51 2.52 -1.99 4.18
C PRO C 51 3.71 -1.12 4.53
N VAL C 52 4.74 -1.19 3.69
CA VAL C 52 5.85 -0.24 3.82
C VAL C 52 5.30 1.17 3.64
N PRO C 53 5.67 2.14 4.47
CA PRO C 53 4.97 3.44 4.46
C PRO C 53 5.17 4.27 3.20
N ASN C 54 6.02 3.86 2.26
CA ASN C 54 6.12 4.60 1.01
C ASN C 54 5.00 4.26 0.03
N ASN C 55 4.12 3.33 0.40
CA ASN C 55 2.92 3.04 -0.39
C ASN C 55 1.81 2.66 0.58
N PRO C 56 1.32 3.61 1.37
CA PRO C 56 0.41 3.27 2.46
C PRO C 56 -0.96 2.88 1.98
N GLN C 57 -1.64 2.06 2.78
CA GLN C 57 -2.98 1.59 2.50
C GLN C 57 -3.90 2.01 3.65
N PRO C 58 -5.23 1.86 3.51
CA PRO C 58 -6.12 2.25 4.59
C PRO C 58 -5.82 1.50 5.89
N SER C 59 -6.31 2.06 7.00
CA SER C 59 -6.00 1.54 8.32
C SER C 59 -6.35 0.06 8.43
N SER C 60 -5.38 -0.73 8.90
CA SER C 60 -5.46 -2.15 9.18
C SER C 60 -5.35 -3.00 7.91
N ILE C 61 -5.41 -2.40 6.72
CA ILE C 61 -5.34 -3.19 5.49
C ILE C 61 -3.92 -3.69 5.28
N ALA C 62 -3.80 -4.94 4.87
CA ALA C 62 -2.51 -5.57 4.58
C ALA C 62 -1.63 -5.62 5.84
N THR C 63 -2.28 -5.84 6.98
CA THR C 63 -1.60 -6.13 8.23
C THR C 63 -2.00 -7.52 8.71
N LEU C 64 -1.17 -8.09 9.59
CA LEU C 64 -1.50 -9.35 10.23
C LEU C 64 -2.46 -9.10 11.37
N VAL C 65 -3.57 -9.84 11.39
CA VAL C 65 -4.58 -9.71 12.41
C VAL C 65 -4.98 -11.10 12.90
N ALA C 66 -5.63 -11.12 14.05
CA ALA C 66 -6.19 -12.35 14.62
C ALA C 66 -7.71 -12.32 14.45
N LYS C 67 -8.26 -13.42 13.96
CA LYS C 67 -9.71 -13.61 13.87
C LYS C 67 -10.13 -14.61 14.95
N ILE C 68 -11.05 -14.18 15.81
CA ILE C 68 -11.63 -15.04 16.84
C ILE C 68 -13.12 -14.78 16.87
N ALA C 69 -13.92 -15.82 16.61
CA ALA C 69 -15.37 -15.68 16.59
C ALA C 69 -15.79 -14.55 15.65
N ASN C 70 -15.16 -14.49 14.49
CA ASN C 70 -15.47 -13.52 13.45
C ASN C 70 -15.26 -12.07 13.90
N LYS C 71 -14.46 -11.86 14.93
CA LYS C 71 -13.98 -10.52 15.27
C LYS C 71 -12.48 -10.43 15.01
N LYS C 72 -12.03 -9.27 14.55
CA LYS C 72 -10.63 -9.05 14.20
C LYS C 72 -9.94 -8.25 15.28
N PHE C 73 -8.69 -8.62 15.57
CA PHE C 73 -7.86 -7.92 16.54
C PHE C 73 -6.49 -7.66 15.93
N ALA C 74 -5.92 -6.51 16.28
CA ALA C 74 -4.60 -6.16 15.78
C ALA C 74 -3.55 -7.09 16.36
N ILE C 75 -2.60 -7.50 15.50
CA ILE C 75 -1.48 -8.32 15.93
C ILE C 75 -0.20 -7.70 15.39
N GLY C 76 -0.13 -7.53 14.07
CA GLY C 76 1.05 -6.95 13.46
C GLY C 76 2.28 -7.80 13.76
N ASN C 77 3.39 -7.11 14.01
CA ASN C 77 4.65 -7.81 14.28
C ASN C 77 4.59 -8.65 15.54
N GLY C 78 3.64 -8.37 16.43
CA GLY C 78 3.46 -9.23 17.59
C GLY C 78 2.78 -8.50 18.73
N VAL C 79 2.39 -9.29 19.73
CA VAL C 79 1.81 -8.79 20.96
C VAL C 79 2.29 -9.68 22.10
N LEU C 80 2.31 -9.13 23.30
CA LEU C 80 2.82 -9.84 24.48
C LEU C 80 1.76 -9.90 25.55
N HIS C 81 1.39 -11.12 25.96
CA HIS C 81 0.56 -11.35 27.13
C HIS C 81 -0.75 -10.57 27.06
N LYS C 82 -1.46 -10.71 25.95
CA LYS C 82 -2.73 -10.01 25.74
C LYS C 82 -3.89 -10.92 26.12
N THR C 83 -4.88 -10.34 26.79
CA THR C 83 -6.05 -11.09 27.21
C THR C 83 -7.01 -11.29 26.05
N VAL C 84 -7.47 -12.53 25.87
CA VAL C 84 -8.44 -12.88 24.84
C VAL C 84 -9.82 -12.46 25.31
N PRO C 85 -10.56 -11.63 24.55
CA PRO C 85 -11.87 -11.18 25.01
C PRO C 85 -13.06 -12.02 24.59
N VAL C 86 -12.88 -13.02 23.72
CA VAL C 86 -14.00 -13.84 23.25
C VAL C 86 -13.53 -15.27 23.04
N ASP C 87 -14.47 -16.21 23.17
CA ASP C 87 -14.19 -17.62 22.89
C ASP C 87 -14.09 -17.85 21.39
N GLY C 88 -13.19 -18.73 20.98
CA GLY C 88 -13.14 -19.14 19.59
C GLY C 88 -11.77 -19.66 19.20
N GLU C 89 -11.73 -20.28 18.03
CA GLU C 89 -10.47 -20.70 17.45
C GLU C 89 -9.69 -19.50 16.94
N LEU C 90 -8.38 -19.51 17.18
CA LEU C 90 -7.51 -18.44 16.71
C LEU C 90 -7.20 -18.65 15.23
N ILE C 91 -7.62 -17.70 14.40
CA ILE C 91 -7.26 -17.65 12.99
C ILE C 91 -6.33 -16.45 12.79
N LEU C 92 -5.26 -16.67 12.03
CA LEU C 92 -4.33 -15.61 11.67
C LEU C 92 -4.55 -15.24 10.22
N LEU C 93 -4.70 -13.94 9.95
CA LEU C 93 -5.17 -13.47 8.66
C LEU C 93 -4.34 -12.29 8.19
N PHE C 94 -3.88 -12.35 6.94
CA PHE C 94 -3.35 -11.17 6.27
C PHE C 94 -4.54 -10.36 5.78
N ASN C 95 -4.76 -9.19 6.38
CA ASN C 95 -6.02 -8.48 6.27
C ASN C 95 -6.03 -7.56 5.03
N ASP C 96 -5.95 -8.19 3.86
CA ASP C 96 -6.06 -7.45 2.62
C ASP C 96 -7.53 -7.11 2.36
N VAL C 97 -7.75 -6.20 1.41
CA VAL C 97 -9.14 -5.86 1.04
C VAL C 97 -9.80 -7.10 0.46
N PRO C 98 -11.02 -7.45 0.86
CA PRO C 98 -11.69 -8.60 0.26
C PRO C 98 -11.71 -8.50 -1.27
N GLY C 99 -11.48 -9.62 -1.92
CA GLY C 99 -11.46 -9.67 -3.37
C GLY C 99 -10.15 -9.29 -4.02
N THR C 100 -9.15 -8.88 -3.25
CA THR C 100 -7.88 -8.43 -3.81
C THR C 100 -6.72 -9.33 -3.38
N PHE C 101 -7.01 -10.55 -2.91
CA PHE C 101 -5.95 -11.47 -2.51
C PHE C 101 -5.27 -12.15 -3.69
N GLY C 102 -5.80 -11.97 -4.91
CA GLY C 102 -5.30 -12.72 -6.04
C GLY C 102 -3.89 -12.36 -6.46
N ASP C 103 -3.47 -11.12 -6.19
CA ASP C 103 -2.11 -10.69 -6.52
C ASP C 103 -1.16 -10.75 -5.35
N ASN C 104 -1.55 -11.42 -4.27
CA ASN C 104 -0.71 -11.56 -3.08
C ASN C 104 0.19 -12.78 -3.21
N SER C 105 1.32 -12.74 -2.50
CA SER C 105 2.25 -13.85 -2.49
C SER C 105 3.13 -13.74 -1.24
N GLY C 106 3.80 -14.85 -0.92
CA GLY C 106 4.62 -14.90 0.27
C GLY C 106 3.81 -15.26 1.50
N GLU C 107 4.52 -15.41 2.61
CA GLU C 107 3.90 -15.80 3.86
C GLU C 107 4.75 -15.31 5.02
N PHE C 108 4.09 -14.94 6.12
CA PHE C 108 4.78 -14.63 7.37
C PHE C 108 5.02 -15.92 8.14
N GLN C 109 6.09 -15.92 8.93
CA GLN C 109 6.37 -16.98 9.89
C GLN C 109 5.93 -16.49 11.26
N VAL C 110 4.97 -17.18 11.87
CA VAL C 110 4.33 -16.69 13.10
C VAL C 110 4.47 -17.73 14.20
N GLU C 111 4.67 -17.25 15.42
CA GLU C 111 4.72 -18.07 16.63
C GLU C 111 3.67 -17.59 17.60
N VAL C 112 2.89 -18.52 18.16
CA VAL C 112 1.84 -18.23 19.12
C VAL C 112 2.11 -19.04 20.39
N ILE C 113 2.04 -18.37 21.55
CA ILE C 113 2.13 -19.01 22.84
C ILE C 113 0.89 -18.67 23.64
N ILE C 114 0.23 -19.68 24.20
CA ILE C 114 -0.84 -19.46 25.16
C ILE C 114 -0.18 -19.29 26.53
N GLU C 115 -0.08 -18.04 26.98
CA GLU C 115 0.64 -17.75 28.21
C GLU C 115 -0.11 -18.24 29.45
N SER C 116 -1.44 -18.25 29.41
CA SER C 116 -2.21 -18.76 30.53
C SER C 116 -3.64 -19.03 30.08
N ARG C 117 -4.26 -20.02 30.71
CA ARG C 117 -5.67 -20.32 30.54
C ARG C 117 -6.46 -19.71 31.68
N TYR C 118 -7.60 -19.11 31.37
CA TYR C 118 -8.35 -18.34 32.35
C TYR C 118 -8.64 -19.15 33.60
N SER C 119 -8.25 -18.60 34.75
CA SER C 119 -8.56 -19.13 36.06
C SER C 119 -8.51 -18.00 37.07
N PRO C 120 -9.64 -17.59 37.65
CA PRO C 120 -9.64 -16.42 38.53
C PRO C 120 -9.30 -16.75 39.97
N LEU C 121 -8.77 -15.75 40.66
CA LEU C 121 -8.70 -15.83 42.11
C LEU C 121 -10.11 -15.99 42.68
N LYS C 122 -10.27 -16.89 43.63
CA LYS C 122 -11.56 -17.15 44.25
C LYS C 122 -11.44 -17.19 45.76
N SER D 2 4.93 15.69 9.81
CA SER D 2 5.69 16.67 10.59
C SER D 2 7.11 16.79 10.07
N ASP D 3 7.81 17.87 10.46
CA ASP D 3 9.22 17.98 10.14
C ASP D 3 10.06 17.05 10.99
N TRP D 4 9.59 16.72 12.19
CA TRP D 4 10.25 15.72 13.02
C TRP D 4 9.24 15.21 14.04
N SER D 5 9.17 13.88 14.17
CA SER D 5 8.38 13.24 15.22
C SER D 5 9.22 12.12 15.82
N GLY D 6 9.14 11.99 17.14
CA GLY D 6 9.94 11.00 17.83
C GLY D 6 9.74 11.14 19.33
N SER D 7 10.35 10.21 20.06
CA SER D 7 10.20 10.17 21.51
C SER D 7 11.30 10.98 22.19
N VAL D 8 10.96 11.52 23.36
CA VAL D 8 11.91 12.22 24.21
C VAL D 8 12.00 11.45 25.53
N PRO D 9 13.06 10.67 25.73
CA PRO D 9 13.15 9.88 26.96
C PRO D 9 13.38 10.74 28.19
N ALA D 10 12.67 10.42 29.27
CA ALA D 10 12.84 11.15 30.52
C ALA D 10 14.22 10.93 31.13
N ASN D 11 14.87 9.80 30.82
CA ASN D 11 16.16 9.48 31.41
C ASN D 11 17.33 9.99 30.59
N ALA D 12 17.08 10.76 29.52
CA ALA D 12 18.15 11.26 28.66
C ALA D 12 18.65 12.58 29.22
N GLU D 13 19.75 12.53 29.97
CA GLU D 13 20.26 13.75 30.62
C GLU D 13 20.74 14.76 29.59
N ASN D 14 21.14 14.32 28.40
CA ASN D 14 21.58 15.22 27.33
C ASN D 14 20.47 15.55 26.35
N GLY D 15 19.27 15.01 26.54
CA GLY D 15 18.17 15.32 25.66
C GLY D 15 18.17 14.49 24.39
N LYS D 16 17.28 14.88 23.49
CA LYS D 16 17.03 14.18 22.24
C LYS D 16 17.25 15.15 21.09
N SER D 17 18.23 14.86 20.24
CA SER D 17 18.49 15.68 19.08
C SER D 17 17.47 15.38 17.99
N THR D 18 16.91 16.43 17.37
CA THR D 18 15.94 16.29 16.31
C THR D 18 16.55 16.38 14.92
N GLY D 19 17.81 16.83 14.81
CA GLY D 19 18.41 17.06 13.52
C GLY D 19 17.89 18.28 12.79
N LEU D 20 16.92 19.00 13.36
CA LEU D 20 16.40 20.21 12.75
C LEU D 20 17.34 21.38 13.06
N ILE D 21 17.91 21.97 12.02
CA ILE D 21 18.83 23.09 12.16
C ILE D 21 18.01 24.35 11.98
N LEU D 22 17.73 25.04 13.09
CA LEU D 22 16.88 26.22 13.07
C LEU D 22 17.73 27.48 12.95
N LYS D 23 17.17 28.49 12.30
CA LYS D 23 17.79 29.80 12.18
C LYS D 23 16.93 30.83 12.88
N GLN D 24 17.59 31.87 13.41
CA GLN D 24 16.85 32.99 13.99
C GLN D 24 15.85 33.53 12.98
N GLY D 25 14.61 33.69 13.42
CA GLY D 25 13.54 34.14 12.57
C GLY D 25 12.64 33.03 12.06
N ASP D 26 13.12 31.78 12.06
CA ASP D 26 12.25 30.65 11.80
C ASP D 26 11.10 30.64 12.82
N THR D 27 10.00 30.00 12.43
CA THR D 27 8.91 29.77 13.37
C THR D 27 8.59 28.28 13.42
N ILE D 28 8.20 27.81 14.61
CA ILE D 28 8.01 26.39 14.87
C ILE D 28 6.76 26.18 15.71
N SER D 29 6.20 24.99 15.58
CA SER D 29 5.12 24.52 16.45
C SER D 29 5.51 23.16 17.00
N VAL D 30 5.10 22.89 18.23
CA VAL D 30 5.42 21.64 18.93
C VAL D 30 4.21 21.20 19.74
N VAL D 31 3.91 19.91 19.71
CA VAL D 31 2.97 19.30 20.65
C VAL D 31 3.64 18.07 21.24
N ALA D 32 3.42 17.85 22.53
CA ALA D 32 4.03 16.73 23.24
C ALA D 32 2.95 15.98 24.01
N HIS D 33 2.95 14.66 23.86
CA HIS D 33 1.98 13.79 24.51
C HIS D 33 2.69 12.80 25.42
N GLY D 34 1.95 12.31 26.40
CA GLY D 34 2.38 11.15 27.19
C GLY D 34 2.76 11.53 28.61
N TRP D 35 3.34 10.53 29.29
CA TRP D 35 3.66 10.62 30.71
C TRP D 35 5.02 10.00 30.96
N VAL D 36 5.76 10.58 31.90
CA VAL D 36 7.04 10.05 32.33
C VAL D 36 7.10 10.06 33.85
N LYS D 37 8.02 9.26 34.38
CA LYS D 37 8.38 9.31 35.79
C LYS D 37 9.71 10.04 35.93
N TYR D 38 9.79 11.00 36.85
CA TYR D 38 11.07 11.59 37.20
C TYR D 38 11.59 11.03 38.52
N GLY D 39 10.91 10.04 39.09
CA GLY D 39 11.38 9.36 40.28
C GLY D 39 10.62 8.06 40.46
N ARG D 40 11.05 7.28 41.46
CA ARG D 40 10.46 5.98 41.70
C ARG D 40 9.14 6.05 42.48
N ASP D 41 8.88 7.16 43.15
CA ASP D 41 7.68 7.25 43.99
C ASP D 41 6.43 7.31 43.15
N ASN D 42 5.32 6.82 43.73
CA ASN D 42 4.03 6.77 43.03
C ASN D 42 3.54 8.14 42.59
N VAL D 43 4.02 9.22 43.24
CA VAL D 43 3.57 10.56 42.91
C VAL D 43 4.47 11.26 41.90
N GLU D 44 5.64 10.68 41.59
CA GLU D 44 6.65 11.39 40.81
C GLU D 44 6.41 11.22 39.31
N TRP D 45 5.24 11.72 38.89
CA TRP D 45 4.85 11.75 37.49
C TRP D 45 4.98 13.15 36.92
N ALA D 46 5.20 13.23 35.60
CA ALA D 46 5.26 14.51 34.91
C ALA D 46 4.63 14.39 33.53
N ALA D 47 3.78 15.37 33.21
CA ALA D 47 3.42 15.64 31.83
C ALA D 47 4.48 16.53 31.22
N PRO D 48 4.42 16.79 29.91
CA PRO D 48 5.39 17.73 29.33
C PRO D 48 5.38 19.08 30.05
N ASP D 49 4.20 19.55 30.47
CA ASP D 49 4.11 20.82 31.19
C ASP D 49 4.87 20.80 32.50
N GLY D 50 5.14 19.61 33.06
CA GLY D 50 5.93 19.51 34.27
C GLY D 50 5.36 18.54 35.28
N PRO D 51 5.96 18.52 36.47
CA PRO D 51 5.48 17.61 37.52
C PRO D 51 4.03 17.85 37.87
N VAL D 52 3.35 16.79 38.26
CA VAL D 52 2.01 16.97 38.82
C VAL D 52 2.11 17.88 40.04
N PRO D 53 1.30 18.94 40.15
CA PRO D 53 1.51 19.93 41.22
C PRO D 53 1.25 19.42 42.63
N ASN D 54 0.93 18.15 42.84
CA ASN D 54 0.90 17.61 44.20
C ASN D 54 2.29 17.26 44.71
N ASN D 55 3.32 17.41 43.87
CA ASN D 55 4.70 17.22 44.28
C ASN D 55 5.56 18.12 43.40
N PRO D 56 5.39 19.44 43.50
CA PRO D 56 6.05 20.34 42.57
C PRO D 56 7.54 20.45 42.83
N GLN D 57 8.26 20.86 41.78
CA GLN D 57 9.71 20.98 41.81
C GLN D 57 10.09 22.41 41.45
N PRO D 58 11.35 22.80 41.58
CA PRO D 58 11.74 24.17 41.25
C PRO D 58 11.38 24.53 39.81
N SER D 59 11.44 25.83 39.53
CA SER D 59 10.99 26.34 38.25
C SER D 59 11.76 25.71 37.10
N SER D 60 11.02 25.24 36.09
CA SER D 60 11.49 24.63 34.86
C SER D 60 11.94 23.19 35.07
N ILE D 61 11.98 22.67 36.29
CA ILE D 61 12.50 21.33 36.55
C ILE D 61 11.46 20.29 36.15
N ALA D 62 11.93 19.23 35.49
CA ALA D 62 11.08 18.11 35.11
C ALA D 62 9.97 18.57 34.15
N THR D 63 10.31 19.50 33.28
CA THR D 63 9.43 19.95 32.21
C THR D 63 10.11 19.66 30.87
N LEU D 64 9.30 19.60 29.82
CA LEU D 64 9.85 19.49 28.47
C LEU D 64 10.29 20.87 28.00
N VAL D 65 11.56 20.98 27.61
CA VAL D 65 12.14 22.24 27.17
C VAL D 65 12.85 22.01 25.85
N ALA D 66 13.14 23.11 25.17
CA ALA D 66 13.92 23.09 23.94
C ALA D 66 15.27 23.74 24.20
N LYS D 67 16.33 23.08 23.77
CA LYS D 67 17.67 23.62 23.83
C LYS D 67 18.11 24.01 22.43
N ILE D 68 18.37 25.29 22.21
CA ILE D 68 18.88 25.80 20.95
C ILE D 68 20.09 26.68 21.28
N ALA D 69 21.23 26.37 20.69
CA ALA D 69 22.50 27.00 21.11
C ALA D 69 22.70 26.79 22.61
N ASN D 70 22.22 25.64 23.09
CA ASN D 70 22.21 25.30 24.52
C ASN D 70 21.48 26.34 25.36
N LYS D 71 20.66 27.19 24.74
CA LYS D 71 19.75 28.03 25.51
C LYS D 71 18.41 27.31 25.63
N LYS D 72 17.82 27.39 26.82
CA LYS D 72 16.62 26.63 27.12
C LYS D 72 15.39 27.48 26.95
N PHE D 73 14.43 26.97 26.18
CA PHE D 73 13.14 27.62 25.98
C PHE D 73 12.03 26.69 26.46
N ALA D 74 11.03 27.25 27.12
CA ALA D 74 9.90 26.46 27.56
C ALA D 74 9.14 25.91 26.37
N ILE D 75 8.71 24.66 26.49
CA ILE D 75 7.88 24.02 25.48
C ILE D 75 6.66 23.42 26.17
N GLY D 76 6.91 22.55 27.14
CA GLY D 76 5.82 21.91 27.85
C GLY D 76 4.96 21.09 26.90
N ASN D 77 3.64 21.14 27.13
CA ASN D 77 2.72 20.40 26.30
C ASN D 77 2.76 20.85 24.84
N GLY D 78 3.24 22.05 24.56
CA GLY D 78 3.42 22.47 23.18
C GLY D 78 3.38 23.97 23.02
N VAL D 79 3.77 24.40 21.83
CA VAL D 79 3.72 25.80 21.44
C VAL D 79 3.30 25.86 19.98
N LEU D 80 2.75 27.01 19.59
CA LEU D 80 2.24 27.22 18.24
C LEU D 80 2.88 28.45 17.61
N HIS D 81 3.50 28.27 16.45
CA HIS D 81 4.00 29.37 15.62
C HIS D 81 4.83 30.36 16.43
N LYS D 82 5.83 29.83 17.13
CA LYS D 82 6.74 30.65 17.91
C LYS D 82 7.99 30.96 17.10
N THR D 83 8.50 32.18 17.27
CA THR D 83 9.69 32.62 16.53
C THR D 83 10.95 32.19 17.27
N VAL D 84 11.88 31.61 16.53
CA VAL D 84 13.15 31.13 17.07
C VAL D 84 14.11 32.31 17.18
N PRO D 85 14.66 32.60 18.37
CA PRO D 85 15.55 33.77 18.51
C PRO D 85 17.03 33.52 18.27
N VAL D 86 17.47 32.28 18.07
CA VAL D 86 18.89 31.97 17.90
C VAL D 86 19.05 30.83 16.90
N ASP D 87 20.21 30.81 16.24
CA ASP D 87 20.58 29.70 15.36
C ASP D 87 21.04 28.50 16.19
N GLY D 88 20.71 27.31 15.73
CA GLY D 88 21.19 26.11 16.38
C GLY D 88 20.29 24.93 16.13
N GLU D 89 20.83 23.74 16.42
CA GLU D 89 20.06 22.51 16.32
C GLU D 89 19.06 22.42 17.46
N LEU D 90 17.84 21.98 17.13
CA LEU D 90 16.79 21.83 18.13
C LEU D 90 17.03 20.54 18.91
N ILE D 91 17.32 20.67 20.20
CA ILE D 91 17.43 19.55 21.12
C ILE D 91 16.25 19.63 22.08
N LEU D 92 15.52 18.53 22.22
CA LEU D 92 14.42 18.44 23.15
C LEU D 92 14.88 17.72 24.41
N LEU D 93 14.53 18.28 25.57
CA LEU D 93 15.09 17.81 26.83
C LEU D 93 14.02 17.74 27.90
N PHE D 94 13.98 16.62 28.61
CA PHE D 94 13.27 16.54 29.89
C PHE D 94 14.17 17.15 30.95
N ASN D 95 13.80 18.34 31.43
CA ASN D 95 14.73 19.19 32.19
C ASN D 95 14.74 18.81 33.67
N ASP D 96 15.09 17.56 33.93
CA ASP D 96 15.21 17.11 35.32
C ASP D 96 16.48 17.69 35.93
N VAL D 97 16.58 17.61 37.25
CA VAL D 97 17.76 18.14 37.93
C VAL D 97 18.99 17.35 37.49
N PRO D 98 20.08 18.00 37.08
CA PRO D 98 21.28 17.25 36.69
C PRO D 98 21.68 16.25 37.78
N GLY D 99 22.05 15.04 37.33
CA GLY D 99 22.42 13.98 38.23
C GLY D 99 21.26 13.14 38.74
N THR D 100 20.02 13.50 38.41
CA THR D 100 18.85 12.78 38.89
C THR D 100 18.06 12.11 37.75
N PHE D 101 18.69 11.87 36.61
CA PHE D 101 18.00 11.19 35.52
C PHE D 101 17.97 9.68 35.69
N GLY D 102 18.73 9.13 36.65
CA GLY D 102 18.86 7.70 36.80
C GLY D 102 17.61 7.01 37.32
N ASP D 103 16.71 7.74 37.98
CA ASP D 103 15.47 7.17 38.46
C ASP D 103 14.27 7.56 37.59
N ASN D 104 14.53 8.03 36.37
CA ASN D 104 13.49 8.42 35.43
C ASN D 104 13.13 7.27 34.50
N SER D 105 11.91 7.29 33.99
CA SER D 105 11.48 6.28 33.04
C SER D 105 10.35 6.85 32.19
N GLY D 106 10.10 6.18 31.07
CA GLY D 106 9.09 6.62 30.12
C GLY D 106 9.63 7.66 29.15
N GLU D 107 8.81 7.97 28.15
CA GLU D 107 9.17 8.93 27.13
C GLU D 107 7.93 9.67 26.67
N PHE D 108 8.11 10.93 26.29
CA PHE D 108 7.07 11.70 25.64
C PHE D 108 7.11 11.44 24.14
N GLN D 109 5.93 11.48 23.51
CA GLN D 109 5.81 11.46 22.06
C GLN D 109 5.63 12.90 21.59
N VAL D 110 6.55 13.37 20.74
CA VAL D 110 6.62 14.79 20.39
C VAL D 110 6.63 14.93 18.87
N GLU D 111 5.97 15.98 18.38
CA GLU D 111 5.96 16.35 16.97
C GLU D 111 6.45 17.77 16.84
N VAL D 112 7.32 18.02 15.85
CA VAL D 112 7.86 19.34 15.57
C VAL D 112 7.58 19.68 14.12
N ILE D 113 7.02 20.87 13.90
CA ILE D 113 6.79 21.41 12.56
C ILE D 113 7.52 22.74 12.45
N ILE D 114 8.33 22.87 11.41
CA ILE D 114 8.91 24.17 11.06
C ILE D 114 7.87 24.91 10.23
N GLU D 115 7.18 25.88 10.86
CA GLU D 115 6.08 26.57 10.20
C GLU D 115 6.58 27.50 9.11
N SER D 116 7.80 28.05 9.26
CA SER D 116 8.34 28.95 8.27
C SER D 116 9.84 29.09 8.49
N ARG D 117 10.56 29.26 7.38
CA ARG D 117 11.97 29.59 7.41
C ARG D 117 12.13 31.08 7.18
N TYR D 118 13.04 31.71 7.93
CA TYR D 118 13.11 33.16 7.96
C TYR D 118 13.30 33.73 6.58
N SER D 119 12.37 34.58 6.16
CA SER D 119 12.51 35.37 4.95
C SER D 119 11.71 36.65 5.14
N PRO D 120 12.36 37.80 5.34
CA PRO D 120 11.61 39.03 5.54
C PRO D 120 11.11 39.61 4.23
N LEU D 121 10.04 40.39 4.33
CA LEU D 121 9.68 41.29 3.25
C LEU D 121 10.87 42.19 2.94
N LYS D 122 11.08 42.47 1.66
CA LYS D 122 12.23 43.25 1.24
C LYS D 122 11.81 44.45 0.39
N SER E 2 3.77 -26.36 -10.30
CA SER E 2 4.91 -25.47 -10.12
C SER E 2 4.59 -24.39 -9.10
N ASP E 3 5.64 -23.78 -8.54
CA ASP E 3 5.44 -22.66 -7.62
C ASP E 3 4.97 -21.42 -8.36
N TRP E 4 5.43 -21.21 -9.59
CA TRP E 4 4.92 -20.16 -10.45
C TRP E 4 5.04 -20.61 -11.90
N SER E 5 3.99 -20.35 -12.67
CA SER E 5 4.01 -20.56 -14.11
C SER E 5 3.28 -19.41 -14.77
N GLY E 6 3.86 -18.89 -15.85
CA GLY E 6 3.26 -17.76 -16.51
C GLY E 6 4.08 -17.33 -17.71
N SER E 7 3.65 -16.23 -18.32
CA SER E 7 4.27 -15.70 -19.52
C SER E 7 5.25 -14.59 -19.16
N VAL E 8 6.30 -14.48 -19.97
CA VAL E 8 7.28 -13.41 -19.85
C VAL E 8 7.31 -12.65 -21.17
N PRO E 9 6.67 -11.49 -21.23
CA PRO E 9 6.63 -10.74 -22.50
C PRO E 9 8.00 -10.15 -22.84
N ALA E 10 8.37 -10.27 -24.12
CA ALA E 10 9.64 -9.73 -24.57
C ALA E 10 9.68 -8.21 -24.56
N ASN E 11 8.53 -7.54 -24.64
CA ASN E 11 8.48 -6.10 -24.69
C ASN E 11 8.34 -5.45 -23.31
N ALA E 12 8.45 -6.23 -22.23
CA ALA E 12 8.28 -5.71 -20.87
C ALA E 12 9.66 -5.34 -20.33
N GLU E 13 10.00 -4.06 -20.41
CA GLU E 13 11.33 -3.61 -20.00
C GLU E 13 11.59 -3.84 -18.52
N ASN E 14 10.53 -3.92 -17.70
CA ASN E 14 10.68 -4.18 -16.27
C ASN E 14 10.42 -5.63 -15.92
N GLY E 15 10.16 -6.49 -16.90
CA GLY E 15 10.03 -7.91 -16.62
C GLY E 15 8.66 -8.29 -16.11
N LYS E 16 8.61 -9.48 -15.51
CA LYS E 16 7.36 -10.08 -15.03
C LYS E 16 7.59 -10.64 -13.65
N SER E 17 6.83 -10.14 -12.67
CA SER E 17 6.98 -10.61 -11.30
C SER E 17 6.38 -12.00 -11.15
N THR E 18 7.13 -12.89 -10.52
CA THR E 18 6.62 -14.20 -10.15
C THR E 18 5.96 -14.19 -8.78
N GLY E 19 6.13 -13.12 -8.00
CA GLY E 19 5.64 -13.07 -6.64
C GLY E 19 6.44 -13.89 -5.65
N LEU E 20 7.37 -14.73 -6.10
CA LEU E 20 8.13 -15.58 -5.21
C LEU E 20 9.22 -14.77 -4.51
N ILE E 21 9.28 -14.89 -3.19
CA ILE E 21 10.25 -14.16 -2.38
C ILE E 21 11.34 -15.14 -1.97
N LEU E 22 12.56 -14.92 -2.44
CA LEU E 22 13.65 -15.87 -2.28
C LEU E 22 14.63 -15.38 -1.23
N LYS E 23 15.29 -16.34 -0.59
CA LYS E 23 16.35 -16.08 0.38
C LYS E 23 17.66 -16.70 -0.13
N GLN E 24 18.77 -16.07 0.21
CA GLN E 24 20.07 -16.65 -0.08
C GLN E 24 20.12 -18.07 0.47
N GLY E 25 20.56 -19.00 -0.37
CA GLY E 25 20.67 -20.39 0.00
C GLY E 25 19.50 -21.25 -0.42
N ASP E 26 18.36 -20.65 -0.76
CA ASP E 26 17.31 -21.39 -1.43
C ASP E 26 17.87 -22.00 -2.71
N THR E 27 17.19 -23.03 -3.20
CA THR E 27 17.50 -23.60 -4.51
C THR E 27 16.24 -23.59 -5.36
N ILE E 28 16.41 -23.33 -6.67
CA ILE E 28 15.29 -23.21 -7.59
C ILE E 28 15.61 -23.93 -8.90
N SER E 29 14.54 -24.32 -9.59
CA SER E 29 14.62 -24.83 -10.96
C SER E 29 13.68 -24.03 -11.84
N VAL E 30 14.08 -23.83 -13.09
CA VAL E 30 13.30 -23.09 -14.07
C VAL E 30 13.43 -23.78 -15.42
N VAL E 31 12.33 -23.85 -16.16
CA VAL E 31 12.36 -24.16 -17.59
C VAL E 31 11.54 -23.11 -18.33
N ALA E 32 12.00 -22.72 -19.51
CA ALA E 32 11.37 -21.69 -20.30
C ALA E 32 11.19 -22.18 -21.73
N HIS E 33 9.99 -22.00 -22.27
CA HIS E 33 9.65 -22.46 -23.60
C HIS E 33 9.23 -21.28 -24.47
N GLY E 34 9.30 -21.48 -25.77
CA GLY E 34 8.71 -20.57 -26.72
C GLY E 34 9.72 -19.65 -27.38
N TRP E 35 9.15 -18.63 -28.05
CA TRP E 35 9.91 -17.80 -28.95
C TRP E 35 9.44 -16.35 -28.84
N VAL E 36 10.38 -15.42 -28.99
CA VAL E 36 10.08 -14.00 -29.04
C VAL E 36 10.90 -13.37 -30.16
N LYS E 37 10.52 -12.15 -30.51
CA LYS E 37 11.30 -11.31 -31.41
C LYS E 37 11.86 -10.14 -30.61
N TYR E 38 13.15 -9.86 -30.79
CA TYR E 38 13.78 -8.69 -30.21
C TYR E 38 13.94 -7.58 -31.23
N GLY E 39 13.40 -7.75 -32.43
CA GLY E 39 13.40 -6.74 -33.46
C GLY E 39 12.41 -7.14 -34.53
N ARG E 40 12.30 -6.29 -35.56
CA ARG E 40 11.31 -6.50 -36.60
C ARG E 40 11.86 -7.26 -37.80
N ASP E 41 13.18 -7.41 -37.92
CA ASP E 41 13.74 -8.16 -39.02
C ASP E 41 13.43 -9.64 -38.87
N ASN E 42 13.36 -10.32 -40.02
CA ASN E 42 13.00 -11.74 -40.04
C ASN E 42 13.94 -12.60 -39.20
N VAL E 43 15.18 -12.16 -38.99
CA VAL E 43 16.16 -12.97 -38.27
C VAL E 43 16.22 -12.68 -36.78
N GLU E 44 15.54 -11.65 -36.31
CA GLU E 44 15.69 -11.20 -34.93
C GLU E 44 14.75 -11.98 -33.99
N TRP E 45 14.94 -13.30 -33.99
CA TRP E 45 14.23 -14.21 -33.11
C TRP E 45 15.14 -14.62 -31.95
N ALA E 46 14.52 -14.93 -30.81
CA ALA E 46 15.25 -15.44 -29.66
C ALA E 46 14.47 -16.54 -28.99
N ALA E 47 15.18 -17.60 -28.61
CA ALA E 47 14.73 -18.51 -27.58
C ALA E 47 15.16 -17.97 -26.23
N PRO E 48 14.70 -18.57 -25.12
CA PRO E 48 15.18 -18.10 -23.81
C PRO E 48 16.69 -18.07 -23.72
N ASP E 49 17.36 -19.05 -24.34
CA ASP E 49 18.82 -19.09 -24.36
C ASP E 49 19.43 -17.88 -25.06
N GLY E 50 18.66 -17.18 -25.91
CA GLY E 50 19.15 -15.98 -26.55
C GLY E 50 18.85 -15.92 -28.03
N PRO E 51 19.46 -14.94 -28.71
CA PRO E 51 19.23 -14.80 -30.15
C PRO E 51 19.64 -16.03 -30.93
N VAL E 52 18.96 -16.27 -32.04
CA VAL E 52 19.39 -17.31 -32.97
C VAL E 52 20.80 -16.95 -33.46
N PRO E 53 21.78 -17.87 -33.42
CA PRO E 53 23.18 -17.48 -33.64
C PRO E 53 23.50 -16.95 -35.04
N ASN E 54 22.55 -16.93 -35.98
CA ASN E 54 22.82 -16.29 -37.26
C ASN E 54 22.72 -14.78 -37.19
N ASN E 55 22.39 -14.22 -36.01
CA ASN E 55 22.36 -12.77 -35.81
C ASN E 55 22.72 -12.50 -34.35
N PRO E 56 23.95 -12.82 -33.96
CA PRO E 56 24.32 -12.78 -32.53
C PRO E 56 24.28 -11.36 -31.98
N GLN E 57 24.01 -11.28 -30.68
CA GLN E 57 23.99 -10.02 -29.96
C GLN E 57 25.01 -10.07 -28.82
N PRO E 58 25.29 -8.96 -28.16
CA PRO E 58 26.30 -8.98 -27.08
C PRO E 58 25.90 -9.92 -25.95
N SER E 59 26.91 -10.33 -25.18
CA SER E 59 26.73 -11.31 -24.12
C SER E 59 25.56 -10.94 -23.22
N SER E 60 24.64 -11.90 -23.04
CA SER E 60 23.48 -11.83 -22.16
C SER E 60 22.32 -11.05 -22.79
N ILE E 61 22.54 -10.34 -23.90
CA ILE E 61 21.48 -9.52 -24.47
C ILE E 61 20.45 -10.41 -25.16
N ALA E 62 19.17 -10.09 -24.95
CA ALA E 62 18.06 -10.81 -25.57
C ALA E 62 18.00 -12.26 -25.10
N THR E 63 18.36 -12.49 -23.84
CA THR E 63 18.21 -13.76 -23.17
C THR E 63 17.23 -13.60 -22.01
N LEU E 64 16.67 -14.72 -21.58
CA LEU E 64 15.86 -14.75 -20.37
C LEU E 64 16.79 -14.74 -19.16
N VAL E 65 16.55 -13.80 -18.24
CA VAL E 65 17.34 -13.69 -17.03
C VAL E 65 16.39 -13.58 -15.84
N ALA E 66 16.95 -13.80 -14.65
CA ALA E 66 16.24 -13.58 -13.40
C ALA E 66 16.78 -12.31 -12.76
N LYS E 67 15.89 -11.44 -12.32
CA LYS E 67 16.25 -10.26 -11.54
C LYS E 67 15.88 -10.51 -10.09
N ILE E 68 16.87 -10.43 -9.20
CA ILE E 68 16.67 -10.58 -7.77
C ILE E 68 17.42 -9.45 -7.08
N ALA E 69 16.69 -8.56 -6.43
CA ALA E 69 17.29 -7.43 -5.74
C ALA E 69 18.13 -6.59 -6.71
N ASN E 70 17.60 -6.39 -7.91
CA ASN E 70 18.24 -5.63 -8.98
C ASN E 70 19.57 -6.25 -9.43
N LYS E 71 19.87 -7.47 -9.01
CA LYS E 71 20.96 -8.23 -9.61
C LYS E 71 20.38 -9.20 -10.65
N LYS E 72 21.14 -9.41 -11.72
CA LYS E 72 20.70 -10.26 -12.83
C LYS E 72 21.48 -11.56 -12.82
N PHE E 73 20.76 -12.66 -13.09
CA PHE E 73 21.37 -13.98 -13.20
C PHE E 73 20.84 -14.66 -14.45
N ALA E 74 21.71 -15.45 -15.08
CA ALA E 74 21.34 -16.16 -16.30
C ALA E 74 20.33 -17.26 -16.00
N ILE E 75 19.34 -17.40 -16.87
CA ILE E 75 18.38 -18.49 -16.79
C ILE E 75 18.35 -19.22 -18.13
N GLY E 76 18.14 -18.48 -19.21
CA GLY E 76 18.06 -19.10 -20.52
C GLY E 76 16.91 -20.09 -20.59
N ASN E 77 17.13 -21.18 -21.32
CA ASN E 77 16.11 -22.21 -21.44
C ASN E 77 15.78 -22.86 -20.12
N GLY E 78 16.64 -22.73 -19.11
CA GLY E 78 16.31 -23.23 -17.79
C GLY E 78 17.55 -23.53 -16.98
N VAL E 79 17.32 -23.77 -15.69
CA VAL E 79 18.35 -24.17 -14.76
C VAL E 79 17.75 -25.18 -13.79
N LEU E 80 18.59 -26.06 -13.25
CA LEU E 80 18.15 -27.12 -12.34
C LEU E 80 18.86 -26.97 -11.01
N HIS E 81 18.08 -26.86 -9.93
CA HIS E 81 18.60 -26.94 -8.56
C HIS E 81 19.77 -25.98 -8.35
N LYS E 82 19.57 -24.73 -8.74
CA LYS E 82 20.59 -23.70 -8.56
C LYS E 82 20.37 -22.96 -7.26
N THR E 83 21.47 -22.62 -6.59
CA THR E 83 21.41 -21.92 -5.33
C THR E 83 21.22 -20.43 -5.57
N VAL E 84 20.25 -19.84 -4.86
CA VAL E 84 19.96 -18.41 -4.93
C VAL E 84 21.02 -17.68 -4.11
N PRO E 85 21.85 -16.83 -4.71
CA PRO E 85 22.92 -16.17 -3.94
C PRO E 85 22.52 -14.89 -3.23
N VAL E 86 21.30 -14.38 -3.43
CA VAL E 86 20.85 -13.12 -2.82
C VAL E 86 19.38 -13.22 -2.46
N ASP E 87 18.97 -12.42 -1.48
CA ASP E 87 17.56 -12.27 -1.15
C ASP E 87 16.87 -11.40 -2.19
N GLY E 88 15.58 -11.62 -2.35
CA GLY E 88 14.76 -10.71 -3.12
C GLY E 88 13.61 -11.40 -3.80
N GLU E 89 12.76 -10.57 -4.40
CA GLU E 89 11.65 -11.04 -5.22
C GLU E 89 12.17 -11.47 -6.58
N LEU E 90 11.65 -12.60 -7.06
CA LEU E 90 12.08 -13.15 -8.35
C LEU E 90 11.30 -12.49 -9.47
N ILE E 91 11.99 -11.67 -10.28
CA ILE E 91 11.44 -11.09 -11.49
C ILE E 91 12.11 -11.78 -12.68
N LEU E 92 11.31 -12.17 -13.67
CA LEU E 92 11.84 -12.74 -14.90
C LEU E 92 11.81 -11.67 -15.98
N LEU E 93 12.89 -11.59 -16.75
CA LEU E 93 13.11 -10.48 -17.66
C LEU E 93 13.70 -10.97 -18.97
N PHE E 94 13.19 -10.44 -20.08
CA PHE E 94 13.85 -10.57 -21.37
C PHE E 94 14.89 -9.46 -21.47
N ASN E 95 16.17 -9.84 -21.42
CA ASN E 95 17.25 -8.89 -21.14
C ASN E 95 17.70 -8.16 -22.40
N ASP E 96 16.76 -7.45 -23.02
CA ASP E 96 17.08 -6.65 -24.19
C ASP E 96 17.86 -5.39 -23.78
N VAL E 97 18.47 -4.74 -24.76
CA VAL E 97 19.21 -3.51 -24.48
C VAL E 97 18.24 -2.44 -23.97
N PRO E 98 18.54 -1.74 -22.89
CA PRO E 98 17.63 -0.70 -22.41
C PRO E 98 17.22 0.26 -23.52
N GLY E 99 15.94 0.59 -23.56
CA GLY E 99 15.41 1.50 -24.54
C GLY E 99 15.08 0.89 -25.89
N THR E 100 15.28 -0.42 -26.06
CA THR E 100 15.02 -1.08 -27.34
C THR E 100 13.94 -2.14 -27.22
N PHE E 101 13.07 -2.05 -26.21
CA PHE E 101 11.99 -3.01 -26.03
C PHE E 101 10.78 -2.73 -26.92
N GLY E 102 10.73 -1.57 -27.56
CA GLY E 102 9.55 -1.18 -28.31
C GLY E 102 9.32 -1.98 -29.58
N ASP E 103 10.36 -2.59 -30.13
CA ASP E 103 10.23 -3.43 -31.32
C ASP E 103 10.21 -4.92 -30.99
N ASN E 104 9.91 -5.27 -29.75
CA ASN E 104 9.86 -6.66 -29.32
C ASN E 104 8.41 -7.16 -29.36
N SER E 105 8.27 -8.47 -29.53
CA SER E 105 6.95 -9.09 -29.58
C SER E 105 7.07 -10.53 -29.13
N GLY E 106 5.94 -11.09 -28.69
CA GLY E 106 5.88 -12.45 -28.22
C GLY E 106 6.19 -12.58 -26.74
N GLU E 107 6.09 -13.82 -26.25
CA GLU E 107 6.31 -14.12 -24.85
C GLU E 107 6.83 -15.53 -24.70
N PHE E 108 7.62 -15.75 -23.66
CA PHE E 108 8.02 -17.07 -23.24
C PHE E 108 7.02 -17.63 -22.24
N GLN E 109 6.90 -18.96 -22.21
CA GLN E 109 6.12 -19.67 -21.21
C GLN E 109 7.10 -20.32 -20.24
N VAL E 110 7.02 -19.94 -18.97
CA VAL E 110 8.05 -20.28 -17.99
C VAL E 110 7.42 -20.97 -16.78
N GLU E 111 8.15 -21.94 -16.22
CA GLU E 111 7.79 -22.62 -14.99
C GLU E 111 8.92 -22.47 -13.99
N VAL E 112 8.57 -22.20 -12.73
CA VAL E 112 9.54 -22.04 -11.65
C VAL E 112 9.14 -22.93 -10.49
N ILE E 113 10.12 -23.63 -9.93
CA ILE E 113 9.94 -24.45 -8.75
C ILE E 113 10.99 -24.04 -7.71
N ILE E 114 10.53 -23.77 -6.50
CA ILE E 114 11.44 -23.58 -5.37
C ILE E 114 11.75 -24.96 -4.82
N GLU E 115 12.96 -25.45 -5.11
CA GLU E 115 13.32 -26.82 -4.77
C GLU E 115 13.51 -26.98 -3.27
N SER E 116 14.11 -25.98 -2.62
CA SER E 116 14.34 -26.06 -1.18
C SER E 116 14.53 -24.65 -0.63
N ARG E 117 14.21 -24.50 0.65
CA ARG E 117 14.45 -23.27 1.38
C ARG E 117 15.66 -23.45 2.29
N TYR E 118 16.50 -22.42 2.36
CA TYR E 118 17.79 -22.55 3.03
C TYR E 118 17.63 -23.06 4.46
N SER E 119 18.36 -24.12 4.77
CA SER E 119 18.50 -24.64 6.12
C SER E 119 19.81 -25.41 6.20
N PRO E 120 20.78 -24.97 7.00
CA PRO E 120 22.08 -25.64 7.02
C PRO E 120 22.13 -26.82 7.98
N LEU E 121 23.02 -27.75 7.68
CA LEU E 121 23.41 -28.76 8.65
C LEU E 121 23.97 -28.08 9.89
N LYS E 122 23.68 -28.64 11.05
CA LYS E 122 24.18 -28.11 12.31
C LYS E 122 24.19 -29.16 13.41
N SER F 2 -22.13 -17.94 -39.93
CA SER F 2 -20.83 -18.49 -39.61
C SER F 2 -20.39 -19.50 -40.66
N ASP F 3 -19.07 -19.63 -40.84
CA ASP F 3 -18.55 -20.67 -41.73
C ASP F 3 -18.78 -22.06 -41.15
N TRP F 4 -18.77 -22.18 -39.83
CA TRP F 4 -19.14 -23.43 -39.17
C TRP F 4 -19.73 -23.10 -37.81
N SER F 5 -20.83 -23.78 -37.47
CA SER F 5 -21.43 -23.68 -36.15
C SER F 5 -21.88 -25.08 -35.74
N GLY F 6 -21.56 -25.46 -34.51
CA GLY F 6 -21.92 -26.78 -34.05
C GLY F 6 -21.52 -26.98 -32.61
N SER F 7 -21.76 -28.18 -32.13
CA SER F 7 -21.46 -28.55 -30.75
C SER F 7 -20.14 -29.32 -30.69
N VAL F 8 -19.34 -29.01 -29.68
CA VAL F 8 -18.07 -29.70 -29.42
C VAL F 8 -18.27 -30.54 -28.17
N PRO F 9 -18.38 -31.87 -28.27
CA PRO F 9 -18.62 -32.69 -27.08
C PRO F 9 -17.37 -32.80 -26.21
N ALA F 10 -17.58 -32.68 -24.90
CA ALA F 10 -16.48 -32.79 -23.96
C ALA F 10 -15.92 -34.21 -23.89
N ASN F 11 -16.73 -35.22 -24.19
CA ASN F 11 -16.27 -36.60 -24.10
C ASN F 11 -15.69 -37.13 -25.41
N ALA F 12 -15.49 -36.25 -26.41
CA ALA F 12 -14.92 -36.65 -27.68
C ALA F 12 -13.40 -36.50 -27.61
N GLU F 13 -12.71 -37.61 -27.34
CA GLU F 13 -11.26 -37.57 -27.19
C GLU F 13 -10.56 -37.16 -28.49
N ASN F 14 -11.19 -37.37 -29.64
CA ASN F 14 -10.63 -36.97 -30.92
C ASN F 14 -11.17 -35.62 -31.38
N GLY F 15 -11.98 -34.95 -30.58
CA GLY F 15 -12.49 -33.65 -30.96
C GLY F 15 -13.63 -33.73 -31.95
N LYS F 16 -13.98 -32.55 -32.47
CA LYS F 16 -15.09 -32.38 -33.41
C LYS F 16 -14.54 -31.76 -34.69
N SER F 17 -14.73 -32.44 -35.82
CA SER F 17 -14.34 -31.88 -37.10
C SER F 17 -15.28 -30.75 -37.50
N THR F 18 -14.71 -29.63 -37.92
CA THR F 18 -15.50 -28.53 -38.46
C THR F 18 -15.64 -28.61 -39.98
N GLY F 19 -14.91 -29.51 -40.63
CA GLY F 19 -14.89 -29.58 -42.08
C GLY F 19 -14.16 -28.45 -42.76
N LEU F 20 -13.70 -27.43 -42.02
CA LEU F 20 -13.01 -26.31 -42.61
C LEU F 20 -11.55 -26.66 -42.86
N ILE F 21 -11.10 -26.44 -44.08
CA ILE F 21 -9.74 -26.77 -44.49
C ILE F 21 -8.97 -25.45 -44.54
N LEU F 22 -8.01 -25.28 -43.64
CA LEU F 22 -7.32 -24.01 -43.49
C LEU F 22 -5.93 -24.05 -44.11
N LYS F 23 -5.44 -22.87 -44.48
CA LYS F 23 -4.11 -22.70 -45.01
C LYS F 23 -3.36 -21.69 -44.15
N GLN F 24 -2.04 -21.89 -44.03
CA GLN F 24 -1.18 -20.93 -43.38
C GLN F 24 -1.42 -19.53 -43.93
N GLY F 25 -1.69 -18.58 -43.04
CA GLY F 25 -1.95 -17.21 -43.42
C GLY F 25 -3.41 -16.82 -43.41
N ASP F 26 -4.32 -17.79 -43.43
CA ASP F 26 -5.72 -17.48 -43.20
C ASP F 26 -5.87 -16.81 -41.84
N THR F 27 -6.97 -16.06 -41.67
CA THR F 27 -7.35 -15.56 -40.37
C THR F 27 -8.73 -16.08 -40.01
N ILE F 28 -8.94 -16.33 -38.72
CA ILE F 28 -10.19 -16.90 -38.24
C ILE F 28 -10.62 -16.20 -36.95
N SER F 29 -11.93 -16.29 -36.69
CA SER F 29 -12.50 -15.88 -35.42
C SER F 29 -13.36 -17.00 -34.88
N VAL F 30 -13.38 -17.13 -33.55
CA VAL F 30 -14.13 -18.18 -32.88
C VAL F 30 -14.77 -17.61 -31.62
N VAL F 31 -15.99 -18.02 -31.34
CA VAL F 31 -16.63 -17.79 -30.06
C VAL F 31 -17.25 -19.10 -29.59
N ALA F 32 -17.15 -19.38 -28.29
CA ALA F 32 -17.62 -20.63 -27.71
C ALA F 32 -18.46 -20.32 -26.48
N HIS F 33 -19.61 -20.99 -26.38
CA HIS F 33 -20.57 -20.79 -25.30
C HIS F 33 -20.85 -22.10 -24.59
N GLY F 34 -21.35 -22.00 -23.38
CA GLY F 34 -21.90 -23.14 -22.67
C GLY F 34 -20.95 -23.70 -21.64
N TRP F 35 -21.33 -24.89 -21.16
CA TRP F 35 -20.68 -25.53 -20.03
C TRP F 35 -20.61 -27.03 -20.25
N VAL F 36 -19.50 -27.63 -19.82
CA VAL F 36 -19.33 -29.07 -19.87
C VAL F 36 -18.83 -29.54 -18.51
N LYS F 37 -18.82 -30.86 -18.35
CA LYS F 37 -18.23 -31.52 -17.20
C LYS F 37 -17.01 -32.30 -17.66
N TYR F 38 -15.88 -32.09 -17.00
CA TYR F 38 -14.70 -32.92 -17.21
C TYR F 38 -14.58 -34.00 -16.14
N GLY F 39 -15.58 -34.13 -15.28
CA GLY F 39 -15.64 -35.19 -14.30
C GLY F 39 -17.02 -35.23 -13.68
N ARG F 40 -17.27 -36.31 -12.93
CA ARG F 40 -18.59 -36.53 -12.34
C ARG F 40 -18.85 -35.68 -11.10
N ASP F 41 -17.82 -35.07 -10.53
CA ASP F 41 -17.98 -34.32 -9.29
C ASP F 41 -18.64 -32.97 -9.56
N ASN F 42 -19.33 -32.46 -8.53
CA ASN F 42 -20.08 -31.21 -8.66
C ASN F 42 -19.19 -30.03 -9.01
N VAL F 43 -17.90 -30.09 -8.71
CA VAL F 43 -17.00 -28.97 -8.93
C VAL F 43 -16.36 -28.98 -10.32
N GLU F 44 -16.44 -30.10 -11.04
CA GLU F 44 -15.67 -30.29 -12.27
C GLU F 44 -16.44 -29.77 -13.49
N TRP F 45 -16.82 -28.50 -13.40
CA TRP F 45 -17.39 -27.76 -14.52
C TRP F 45 -16.30 -26.99 -15.23
N ALA F 46 -16.49 -26.79 -16.53
CA ALA F 46 -15.54 -26.02 -17.33
C ALA F 46 -16.28 -25.15 -18.34
N ALA F 47 -15.88 -23.89 -18.43
CA ALA F 47 -16.20 -23.05 -19.57
C ALA F 47 -15.20 -23.35 -20.67
N PRO F 48 -15.41 -22.83 -21.88
CA PRO F 48 -14.37 -23.01 -22.91
C PRO F 48 -13.02 -22.52 -22.44
N ASP F 49 -12.99 -21.43 -21.66
CA ASP F 49 -11.73 -20.92 -21.12
C ASP F 49 -11.05 -21.93 -20.19
N GLY F 50 -11.79 -22.87 -19.62
CA GLY F 50 -11.20 -23.89 -18.78
C GLY F 50 -11.98 -24.19 -17.53
N PRO F 51 -11.39 -24.98 -16.63
CA PRO F 51 -12.06 -25.31 -15.37
C PRO F 51 -12.32 -24.08 -14.52
N VAL F 52 -13.37 -24.15 -13.72
CA VAL F 52 -13.65 -23.08 -12.75
C VAL F 52 -12.46 -22.97 -11.81
N PRO F 53 -12.01 -21.76 -11.44
CA PRO F 53 -10.75 -21.63 -10.69
C PRO F 53 -10.75 -22.26 -9.30
N ASN F 54 -11.89 -22.72 -8.79
CA ASN F 54 -11.88 -23.36 -7.47
C ASN F 54 -11.48 -24.83 -7.55
N ASN F 55 -11.16 -25.33 -8.75
CA ASN F 55 -10.66 -26.69 -8.93
C ASN F 55 -9.72 -26.70 -10.13
N PRO F 56 -8.60 -26.00 -10.04
CA PRO F 56 -7.75 -25.80 -11.21
C PRO F 56 -7.09 -27.10 -11.67
N GLN F 57 -6.84 -27.16 -12.98
CA GLN F 57 -6.15 -28.28 -13.61
C GLN F 57 -4.89 -27.75 -14.28
N PRO F 58 -3.98 -28.62 -14.74
CA PRO F 58 -2.77 -28.13 -15.39
C PRO F 58 -3.08 -27.28 -16.62
N SER F 59 -2.08 -26.49 -17.02
CA SER F 59 -2.27 -25.51 -18.08
C SER F 59 -2.83 -26.15 -19.34
N SER F 60 -3.87 -25.52 -19.89
CA SER F 60 -4.52 -25.92 -21.14
C SER F 60 -5.42 -27.14 -20.97
N ILE F 61 -5.33 -27.82 -19.83
CA ILE F 61 -6.16 -29.01 -19.62
C ILE F 61 -7.61 -28.59 -19.41
N ALA F 62 -8.52 -29.35 -20.01
CA ALA F 62 -9.96 -29.09 -19.90
C ALA F 62 -10.31 -27.69 -20.40
N THR F 63 -9.65 -27.28 -21.48
CA THR F 63 -9.99 -26.06 -22.19
C THR F 63 -10.30 -26.39 -23.65
N LEU F 64 -11.04 -25.49 -24.30
CA LEU F 64 -11.30 -25.63 -25.73
C LEU F 64 -10.07 -25.19 -26.52
N VAL F 65 -9.56 -26.08 -27.36
CA VAL F 65 -8.40 -25.78 -28.19
C VAL F 65 -8.73 -26.09 -29.64
N ALA F 66 -7.90 -25.53 -30.53
CA ALA F 66 -7.95 -25.86 -31.95
C ALA F 66 -6.83 -26.83 -32.27
N LYS F 67 -7.16 -27.88 -33.02
CA LYS F 67 -6.20 -28.86 -33.49
C LYS F 67 -6.07 -28.72 -35.00
N ILE F 68 -4.86 -28.38 -35.46
CA ILE F 68 -4.57 -28.28 -36.88
C ILE F 68 -3.21 -28.93 -37.12
N ALA F 69 -3.17 -29.89 -38.04
CA ALA F 69 -1.93 -30.59 -38.36
C ALA F 69 -1.28 -31.15 -37.10
N ASN F 70 -2.13 -31.66 -36.20
CA ASN F 70 -1.72 -32.27 -34.94
C ASN F 70 -1.03 -31.29 -33.99
N LYS F 71 -1.12 -29.98 -34.24
CA LYS F 71 -0.67 -29.00 -33.27
C LYS F 71 -1.87 -28.31 -32.64
N LYS F 72 -1.72 -27.96 -31.36
CA LYS F 72 -2.81 -27.41 -30.56
C LYS F 72 -2.62 -25.92 -30.37
N PHE F 73 -3.73 -25.18 -30.45
CA PHE F 73 -3.72 -23.74 -30.25
C PHE F 73 -4.84 -23.37 -29.29
N ALA F 74 -4.56 -22.38 -28.43
CA ALA F 74 -5.56 -21.95 -27.47
C ALA F 74 -6.72 -21.25 -28.18
N ILE F 75 -7.94 -21.55 -27.73
CA ILE F 75 -9.13 -20.89 -28.23
C ILE F 75 -9.93 -20.37 -27.04
N GLY F 76 -10.29 -21.28 -26.12
CA GLY F 76 -11.06 -20.87 -24.97
C GLY F 76 -12.39 -20.28 -25.37
N ASN F 77 -12.79 -19.22 -24.66
CA ASN F 77 -14.07 -18.58 -24.93
C ASN F 77 -14.13 -17.99 -26.34
N GLY F 78 -13.00 -17.74 -26.96
CA GLY F 78 -12.99 -17.27 -28.33
C GLY F 78 -11.72 -16.54 -28.69
N VAL F 79 -11.55 -16.31 -29.98
CA VAL F 79 -10.45 -15.53 -30.52
C VAL F 79 -10.98 -14.70 -31.68
N LEU F 80 -10.33 -13.56 -31.93
CA LEU F 80 -10.77 -12.63 -32.96
C LEU F 80 -9.64 -12.41 -33.96
N HIS F 81 -9.91 -12.71 -35.23
CA HIS F 81 -9.03 -12.37 -36.36
C HIS F 81 -7.59 -12.82 -36.11
N LYS F 82 -7.44 -14.09 -35.75
CA LYS F 82 -6.13 -14.66 -35.51
C LYS F 82 -5.58 -15.31 -36.77
N THR F 83 -4.27 -15.20 -36.97
CA THR F 83 -3.62 -15.78 -38.14
C THR F 83 -3.32 -17.25 -37.90
N VAL F 84 -3.68 -18.08 -38.86
CA VAL F 84 -3.45 -19.53 -38.79
C VAL F 84 -2.00 -19.80 -39.22
N PRO F 85 -1.20 -20.48 -38.39
CA PRO F 85 0.21 -20.71 -38.75
C PRO F 85 0.50 -22.02 -39.48
N VAL F 86 -0.48 -22.89 -39.69
CA VAL F 86 -0.22 -24.18 -40.33
C VAL F 86 -1.45 -24.58 -41.15
N ASP F 87 -1.20 -25.32 -42.23
CA ASP F 87 -2.27 -25.91 -43.01
C ASP F 87 -2.93 -27.04 -42.22
N GLY F 88 -4.19 -27.29 -42.51
CA GLY F 88 -4.85 -28.48 -42.01
C GLY F 88 -6.33 -28.27 -41.80
N GLU F 89 -7.01 -29.38 -41.51
CA GLU F 89 -8.40 -29.34 -41.12
C GLU F 89 -8.55 -28.83 -39.70
N LEU F 90 -9.50 -27.92 -39.50
CA LEU F 90 -9.74 -27.35 -38.17
C LEU F 90 -10.55 -28.35 -37.36
N ILE F 91 -9.94 -28.91 -36.33
CA ILE F 91 -10.61 -29.74 -35.34
C ILE F 91 -10.72 -28.93 -34.05
N LEU F 92 -11.90 -28.95 -33.45
CA LEU F 92 -12.12 -28.33 -32.14
C LEU F 92 -12.12 -29.44 -31.09
N LEU F 93 -11.38 -29.23 -30.01
CA LEU F 93 -11.12 -30.29 -29.05
C LEU F 93 -11.24 -29.76 -27.63
N PHE F 94 -11.99 -30.47 -26.80
CA PHE F 94 -11.95 -30.26 -25.36
C PHE F 94 -10.70 -30.98 -24.84
N ASN F 95 -9.70 -30.21 -24.44
CA ASN F 95 -8.35 -30.74 -24.22
C ASN F 95 -8.21 -31.36 -22.83
N ASP F 96 -8.96 -32.43 -22.61
CA ASP F 96 -8.85 -33.18 -21.37
C ASP F 96 -7.63 -34.09 -21.40
N VAL F 97 -7.28 -34.63 -20.23
CA VAL F 97 -6.12 -35.51 -20.15
C VAL F 97 -6.41 -36.80 -20.93
N PRO F 98 -5.49 -37.28 -21.75
CA PRO F 98 -5.74 -38.52 -22.49
C PRO F 98 -6.18 -39.65 -21.56
N GLY F 99 -7.22 -40.36 -21.98
CA GLY F 99 -7.75 -41.45 -21.20
C GLY F 99 -8.74 -41.08 -20.12
N THR F 100 -9.05 -39.79 -19.95
CA THR F 100 -9.95 -39.34 -18.91
C THR F 100 -11.22 -38.71 -19.48
N PHE F 101 -11.54 -39.01 -20.73
CA PHE F 101 -12.74 -38.46 -21.36
C PHE F 101 -14.01 -39.22 -21.01
N GLY F 102 -13.89 -40.39 -20.38
CA GLY F 102 -15.06 -41.22 -20.12
C GLY F 102 -16.02 -40.65 -19.09
N ASP F 103 -15.54 -39.79 -18.19
CA ASP F 103 -16.38 -39.16 -17.20
C ASP F 103 -16.80 -37.75 -17.60
N ASN F 104 -16.67 -37.41 -18.88
CA ASN F 104 -17.04 -36.11 -19.38
C ASN F 104 -18.47 -36.12 -19.93
N SER F 105 -19.08 -34.94 -19.95
CA SER F 105 -20.43 -34.81 -20.50
C SER F 105 -20.66 -33.35 -20.89
N GLY F 106 -21.65 -33.15 -21.75
CA GLY F 106 -21.98 -31.82 -22.23
C GLY F 106 -21.21 -31.45 -23.48
N GLU F 107 -21.59 -30.31 -24.05
CA GLU F 107 -20.92 -29.81 -25.24
C GLU F 107 -20.97 -28.29 -25.27
N PHE F 108 -19.90 -27.70 -25.80
CA PHE F 108 -19.86 -26.28 -26.10
C PHE F 108 -20.54 -26.01 -27.43
N GLN F 109 -21.22 -24.86 -27.51
CA GLN F 109 -21.74 -24.36 -28.78
C GLN F 109 -20.73 -23.35 -29.34
N VAL F 110 -20.19 -23.65 -30.51
CA VAL F 110 -19.05 -22.90 -31.05
C VAL F 110 -19.40 -22.40 -32.44
N GLU F 111 -18.95 -21.18 -32.74
CA GLU F 111 -19.09 -20.58 -34.06
C GLU F 111 -17.70 -20.24 -34.58
N VAL F 112 -17.46 -20.55 -35.85
CA VAL F 112 -16.16 -20.29 -36.48
C VAL F 112 -16.40 -19.48 -37.76
N ILE F 113 -15.62 -18.42 -37.94
CA ILE F 113 -15.66 -17.61 -39.14
C ILE F 113 -14.25 -17.57 -39.73
N ILE F 114 -14.13 -17.88 -41.01
CA ILE F 114 -12.89 -17.68 -41.74
C ILE F 114 -12.92 -16.23 -42.21
N GLU F 115 -12.19 -15.35 -41.50
CA GLU F 115 -12.24 -13.94 -41.80
C GLU F 115 -11.56 -13.62 -43.12
N SER F 116 -10.50 -14.34 -43.47
CA SER F 116 -9.83 -14.10 -44.74
C SER F 116 -9.01 -15.33 -45.11
N ARG F 117 -8.81 -15.50 -46.42
CA ARG F 117 -7.93 -16.51 -46.96
C ARG F 117 -6.63 -15.85 -47.41
N TYR F 118 -5.51 -16.53 -47.17
CA TYR F 118 -4.20 -15.91 -47.34
C TYR F 118 -4.03 -15.40 -48.76
N SER F 119 -3.72 -14.11 -48.88
CA SER F 119 -3.34 -13.48 -50.12
C SER F 119 -2.43 -12.30 -49.80
N PRO F 120 -1.15 -12.35 -50.16
CA PRO F 120 -0.23 -11.27 -49.78
C PRO F 120 -0.26 -10.10 -50.75
N LEU F 121 0.04 -8.93 -50.22
CA LEU F 121 0.39 -7.81 -51.09
C LEU F 121 1.61 -8.17 -51.92
N LYS F 122 1.59 -7.79 -53.20
CA LYS F 122 2.69 -8.12 -54.11
C LYS F 122 2.98 -6.95 -55.05
N SER G 2 -7.17 -4.68 -31.34
CA SER G 2 -8.61 -4.49 -31.20
C SER G 2 -8.97 -3.00 -31.17
N ASP G 3 -10.24 -2.70 -31.39
CA ASP G 3 -10.71 -1.32 -31.25
C ASP G 3 -10.80 -0.92 -29.78
N TRP G 4 -11.09 -1.88 -28.90
CA TRP G 4 -11.00 -1.65 -27.47
C TRP G 4 -10.71 -2.99 -26.79
N SER G 5 -9.79 -2.96 -25.84
CA SER G 5 -9.52 -4.11 -24.97
C SER G 5 -9.28 -3.61 -23.56
N GLY G 6 -9.85 -4.31 -22.59
CA GLY G 6 -9.69 -3.90 -21.21
C GLY G 6 -10.43 -4.84 -20.28
N SER G 7 -10.53 -4.43 -19.03
CA SER G 7 -11.14 -5.22 -17.98
C SER G 7 -12.56 -4.74 -17.70
N VAL G 8 -13.43 -5.68 -17.38
CA VAL G 8 -14.80 -5.41 -16.96
C VAL G 8 -14.96 -5.88 -15.52
N PRO G 9 -14.82 -4.98 -14.55
CA PRO G 9 -14.93 -5.41 -13.14
C PRO G 9 -16.33 -5.86 -12.80
N ALA G 10 -16.41 -6.97 -12.07
CA ALA G 10 -17.71 -7.50 -11.64
C ALA G 10 -18.39 -6.60 -10.61
N ASN G 11 -17.63 -5.77 -9.90
CA ASN G 11 -18.19 -4.91 -8.86
C ASN G 11 -18.59 -3.53 -9.37
N ALA G 12 -18.48 -3.30 -10.68
CA ALA G 12 -18.85 -2.01 -11.27
C ALA G 12 -20.33 -2.07 -11.62
N GLU G 13 -21.17 -1.51 -10.75
CA GLU G 13 -22.61 -1.57 -10.96
C GLU G 13 -23.01 -0.78 -12.21
N ASN G 14 -22.22 0.23 -12.58
CA ASN G 14 -22.47 1.03 -13.77
C ASN G 14 -21.75 0.49 -15.00
N GLY G 15 -20.97 -0.57 -14.83
CA GLY G 15 -20.28 -1.18 -15.95
C GLY G 15 -18.98 -0.48 -16.29
N LYS G 16 -18.43 -0.87 -17.44
CA LYS G 16 -17.16 -0.35 -17.94
C LYS G 16 -17.41 0.36 -19.27
N SER G 17 -17.13 1.65 -19.30
CA SER G 17 -17.30 2.43 -20.52
C SER G 17 -16.10 2.20 -21.44
N THR G 18 -16.38 1.77 -22.67
CA THR G 18 -15.32 1.51 -23.65
C THR G 18 -14.92 2.75 -24.44
N GLY G 19 -15.75 3.79 -24.46
CA GLY G 19 -15.50 4.94 -25.30
C GLY G 19 -15.82 4.74 -26.75
N LEU G 20 -16.24 3.54 -27.15
CA LEU G 20 -16.63 3.28 -28.53
C LEU G 20 -18.04 3.81 -28.77
N ILE G 21 -18.15 4.76 -29.68
CA ILE G 21 -19.44 5.36 -30.02
C ILE G 21 -20.00 4.60 -31.21
N LEU G 22 -21.04 3.79 -30.97
CA LEU G 22 -21.62 2.95 -32.00
C LEU G 22 -22.84 3.63 -32.62
N LYS G 23 -23.06 3.32 -33.88
CA LYS G 23 -24.23 3.81 -34.61
C LYS G 23 -25.04 2.62 -35.11
N GLN G 24 -26.36 2.81 -35.17
CA GLN G 24 -27.22 1.82 -35.78
C GLN G 24 -26.67 1.39 -37.13
N GLY G 25 -26.53 0.08 -37.32
CA GLY G 25 -26.04 -0.48 -38.57
C GLY G 25 -24.57 -0.86 -38.54
N ASP G 26 -23.80 -0.34 -37.60
CA ASP G 26 -22.46 -0.86 -37.37
C ASP G 26 -22.53 -2.35 -37.05
N THR G 27 -21.41 -3.04 -37.27
CA THR G 27 -21.27 -4.42 -36.81
C THR G 27 -20.06 -4.52 -35.89
N ILE G 28 -20.18 -5.40 -34.87
CA ILE G 28 -19.14 -5.56 -33.87
C ILE G 28 -18.94 -7.04 -33.56
N SER G 29 -17.74 -7.35 -33.07
CA SER G 29 -17.42 -8.64 -32.51
C SER G 29 -16.84 -8.43 -31.11
N VAL G 30 -17.08 -9.40 -30.23
CA VAL G 30 -16.61 -9.34 -28.86
C VAL G 30 -16.21 -10.73 -28.42
N VAL G 31 -15.10 -10.83 -27.69
CA VAL G 31 -14.74 -12.03 -26.96
C VAL G 31 -14.40 -11.64 -25.53
N ALA G 32 -14.83 -12.47 -24.58
CA ALA G 32 -14.63 -12.19 -23.16
C ALA G 32 -14.02 -13.41 -22.50
N HIS G 33 -12.95 -13.21 -21.76
CA HIS G 33 -12.25 -14.26 -21.06
C HIS G 33 -12.26 -14.01 -19.56
N GLY G 34 -12.09 -15.08 -18.80
CA GLY G 34 -11.79 -14.98 -17.39
C GLY G 34 -12.98 -15.37 -16.51
N TRP G 35 -12.83 -15.04 -15.23
CA TRP G 35 -13.72 -15.47 -14.19
C TRP G 35 -13.91 -14.36 -13.18
N VAL G 36 -15.13 -14.25 -12.64
CA VAL G 36 -15.43 -13.28 -11.59
C VAL G 36 -16.23 -13.99 -10.51
N LYS G 37 -16.34 -13.33 -9.36
CA LYS G 37 -17.19 -13.77 -8.28
C LYS G 37 -18.36 -12.82 -8.15
N TYR G 38 -19.58 -13.37 -8.11
CA TYR G 38 -20.77 -12.57 -7.84
C TYR G 38 -21.21 -12.70 -6.39
N GLY G 39 -20.43 -13.40 -5.57
CA GLY G 39 -20.69 -13.49 -4.14
C GLY G 39 -19.46 -14.04 -3.45
N ARG G 40 -19.48 -13.95 -2.12
CA ARG G 40 -18.35 -14.39 -1.31
C ARG G 40 -18.26 -15.91 -1.19
N ASP G 41 -19.33 -16.63 -1.49
CA ASP G 41 -19.34 -18.07 -1.34
C ASP G 41 -18.42 -18.73 -2.37
N ASN G 42 -17.84 -19.86 -1.98
CA ASN G 42 -16.86 -20.55 -2.83
C ASN G 42 -17.44 -20.96 -4.17
N VAL G 43 -18.77 -21.09 -4.27
CA VAL G 43 -19.41 -21.59 -5.48
C VAL G 43 -19.92 -20.48 -6.39
N GLU G 44 -19.82 -19.22 -5.96
CA GLU G 44 -20.44 -18.11 -6.68
C GLU G 44 -19.47 -17.52 -7.71
N TRP G 45 -19.03 -18.40 -8.61
CA TRP G 45 -18.19 -18.04 -9.74
C TRP G 45 -19.05 -17.85 -10.98
N ALA G 46 -18.55 -17.02 -11.90
CA ALA G 46 -19.24 -16.81 -13.17
C ALA G 46 -18.23 -16.61 -14.29
N ALA G 47 -18.50 -17.26 -15.42
CA ALA G 47 -17.89 -16.89 -16.69
C ALA G 47 -18.72 -15.80 -17.33
N PRO G 48 -18.23 -15.18 -18.40
CA PRO G 48 -19.06 -14.18 -19.08
C PRO G 48 -20.42 -14.73 -19.47
N ASP G 49 -20.49 -16.01 -19.88
CA ASP G 49 -21.77 -16.64 -20.19
C ASP G 49 -22.69 -16.68 -18.98
N GLY G 50 -22.14 -16.67 -17.76
CA GLY G 50 -22.96 -16.62 -16.58
C GLY G 50 -22.46 -17.49 -15.44
N PRO G 51 -23.30 -17.63 -14.40
CA PRO G 51 -22.91 -18.44 -13.24
C PRO G 51 -22.62 -19.89 -13.63
N VAL G 52 -21.66 -20.48 -12.94
CA VAL G 52 -21.41 -21.92 -13.10
C VAL G 52 -22.69 -22.69 -12.77
N PRO G 53 -23.11 -23.67 -13.56
CA PRO G 53 -24.43 -24.29 -13.34
C PRO G 53 -24.58 -25.09 -12.06
N ASN G 54 -23.57 -25.20 -11.21
CA ASN G 54 -23.75 -25.84 -9.91
C ASN G 54 -24.28 -24.87 -8.86
N ASN G 55 -24.62 -23.64 -9.26
CA ASN G 55 -25.21 -22.66 -8.38
C ASN G 55 -25.92 -21.61 -9.25
N PRO G 56 -26.88 -22.03 -10.08
CA PRO G 56 -27.47 -21.10 -11.04
C PRO G 56 -28.24 -19.98 -10.38
N GLN G 57 -28.35 -18.87 -11.11
CA GLN G 57 -29.08 -17.68 -10.68
C GLN G 57 -30.19 -17.41 -11.69
N PRO G 58 -31.09 -16.46 -11.41
CA PRO G 58 -32.15 -16.17 -12.38
C PRO G 58 -31.58 -15.81 -13.75
N SER G 59 -32.45 -15.92 -14.75
CA SER G 59 -32.03 -15.72 -16.13
C SER G 59 -31.40 -14.35 -16.32
N SER G 60 -30.24 -14.33 -16.99
CA SER G 60 -29.47 -13.15 -17.39
C SER G 60 -28.68 -12.56 -16.22
N ILE G 61 -28.89 -12.99 -14.99
CA ILE G 61 -28.19 -12.43 -13.84
C ILE G 61 -26.76 -12.95 -13.82
N ALA G 62 -25.82 -12.06 -13.51
CA ALA G 62 -24.41 -12.41 -13.40
C ALA G 62 -23.86 -12.91 -14.73
N THR G 63 -24.26 -12.24 -15.82
CA THR G 63 -23.73 -12.49 -17.15
C THR G 63 -23.17 -11.19 -17.70
N LEU G 64 -22.23 -11.31 -18.64
CA LEU G 64 -21.68 -10.15 -19.32
C LEU G 64 -22.65 -9.70 -20.40
N VAL G 65 -23.09 -8.44 -20.32
CA VAL G 65 -24.01 -7.87 -21.27
C VAL G 65 -23.40 -6.58 -21.81
N ALA G 66 -23.96 -6.10 -22.91
CA ALA G 66 -23.62 -4.79 -23.46
C ALA G 66 -24.79 -3.84 -23.23
N LYS G 67 -24.47 -2.64 -22.77
CA LYS G 67 -25.46 -1.56 -22.63
C LYS G 67 -25.21 -0.54 -23.74
N ILE G 68 -26.24 -0.28 -24.54
CA ILE G 68 -26.20 0.75 -25.57
C ILE G 68 -27.52 1.51 -25.48
N ALA G 69 -27.45 2.82 -25.28
CA ALA G 69 -28.64 3.64 -25.10
C ALA G 69 -29.54 3.07 -24.02
N ASN G 70 -28.91 2.70 -22.90
CA ASN G 70 -29.60 2.15 -21.73
C ASN G 70 -30.47 0.95 -22.10
N LYS G 71 -30.08 0.21 -23.13
CA LYS G 71 -30.69 -1.08 -23.43
C LYS G 71 -29.63 -2.16 -23.36
N LYS G 72 -30.03 -3.33 -22.87
CA LYS G 72 -29.09 -4.41 -22.60
C LYS G 72 -29.17 -5.47 -23.69
N PHE G 73 -28.01 -5.90 -24.17
CA PHE G 73 -27.90 -6.94 -25.19
C PHE G 73 -27.00 -8.05 -24.67
N ALA G 74 -27.34 -9.29 -25.01
CA ALA G 74 -26.53 -10.42 -24.61
C ALA G 74 -25.18 -10.38 -25.30
N ILE G 75 -24.14 -10.75 -24.56
CA ILE G 75 -22.79 -10.87 -25.08
C ILE G 75 -22.22 -12.20 -24.62
N GLY G 76 -22.19 -12.38 -23.29
CA GLY G 76 -21.62 -13.60 -22.73
C GLY G 76 -20.18 -13.75 -23.15
N ASN G 77 -19.81 -15.00 -23.47
CA ASN G 77 -18.43 -15.28 -23.87
C ASN G 77 -18.03 -14.57 -25.16
N GLY G 78 -18.98 -14.11 -25.95
CA GLY G 78 -18.64 -13.32 -27.11
C GLY G 78 -19.70 -13.42 -28.19
N VAL G 79 -19.55 -12.55 -29.19
CA VAL G 79 -20.41 -12.53 -30.37
C VAL G 79 -19.55 -12.17 -31.57
N LEU G 80 -20.01 -12.55 -32.76
CA LEU G 80 -19.27 -12.33 -33.99
C LEU G 80 -20.13 -11.58 -34.99
N HIS G 81 -19.62 -10.46 -35.48
CA HIS G 81 -20.23 -9.70 -36.58
C HIS G 81 -21.72 -9.48 -36.37
N LYS G 82 -22.06 -8.90 -35.22
CA LYS G 82 -23.44 -8.59 -34.87
C LYS G 82 -23.75 -7.13 -35.22
N THR G 83 -24.96 -6.92 -35.73
CA THR G 83 -25.39 -5.57 -36.11
C THR G 83 -25.91 -4.82 -34.90
N VAL G 84 -25.46 -3.58 -34.75
CA VAL G 84 -25.86 -2.71 -33.65
C VAL G 84 -27.21 -2.09 -33.99
N PRO G 85 -28.24 -2.25 -33.16
CA PRO G 85 -29.57 -1.72 -33.50
C PRO G 85 -29.86 -0.30 -33.04
N VAL G 86 -28.98 0.33 -32.25
CA VAL G 86 -29.26 1.66 -31.71
C VAL G 86 -27.95 2.43 -31.58
N ASP G 87 -28.06 3.76 -31.65
CA ASP G 87 -26.92 4.63 -31.40
C ASP G 87 -26.60 4.66 -29.91
N GLY G 88 -25.31 4.68 -29.58
CA GLY G 88 -24.90 4.90 -28.21
C GLY G 88 -23.51 4.40 -27.96
N GLU G 89 -22.91 4.91 -26.88
CA GLU G 89 -21.63 4.41 -26.43
C GLU G 89 -21.76 2.98 -25.93
N LEU G 90 -20.76 2.16 -26.22
CA LEU G 90 -20.76 0.77 -25.78
C LEU G 90 -20.31 0.70 -24.33
N ILE G 91 -21.19 0.24 -23.45
CA ILE G 91 -20.87 -0.02 -22.06
C ILE G 91 -20.92 -1.53 -21.84
N LEU G 92 -19.89 -2.07 -21.21
CA LEU G 92 -19.84 -3.49 -20.87
C LEU G 92 -20.13 -3.64 -19.39
N LEU G 93 -21.04 -4.55 -19.06
CA LEU G 93 -21.61 -4.62 -17.72
C LEU G 93 -21.74 -6.07 -17.27
N PHE G 94 -21.25 -6.35 -16.07
CA PHE G 94 -21.58 -7.60 -15.39
C PHE G 94 -22.97 -7.43 -14.76
N ASN G 95 -23.95 -8.17 -15.29
CA ASN G 95 -25.36 -7.89 -15.04
C ASN G 95 -25.83 -8.56 -13.75
N ASP G 96 -25.25 -8.10 -12.64
CA ASP G 96 -25.67 -8.59 -11.34
C ASP G 96 -26.94 -7.86 -10.89
N VAL G 97 -27.59 -8.39 -9.87
CA VAL G 97 -28.80 -7.75 -9.37
C VAL G 97 -28.45 -6.37 -8.81
N PRO G 98 -29.17 -5.31 -9.16
CA PRO G 98 -28.85 -3.99 -8.61
C PRO G 98 -28.79 -4.01 -7.09
N GLY G 99 -27.79 -3.33 -6.54
CA GLY G 99 -27.58 -3.29 -5.11
C GLY G 99 -26.78 -4.43 -4.54
N THR G 100 -26.44 -5.43 -5.35
CA THR G 100 -25.71 -6.60 -4.87
C THR G 100 -24.29 -6.68 -5.43
N PHE G 101 -23.78 -5.59 -6.01
CA PHE G 101 -22.43 -5.58 -6.54
C PHE G 101 -21.35 -5.49 -5.47
N GLY G 102 -21.73 -5.25 -4.21
CA GLY G 102 -20.76 -5.04 -3.16
C GLY G 102 -19.94 -6.26 -2.80
N ASP G 103 -20.47 -7.46 -3.05
CA ASP G 103 -19.76 -8.69 -2.71
C ASP G 103 -19.13 -9.35 -3.94
N ASN G 104 -18.95 -8.59 -5.02
CA ASN G 104 -18.32 -9.10 -6.23
C ASN G 104 -16.83 -8.76 -6.24
N SER G 105 -16.08 -9.53 -7.02
CA SER G 105 -14.66 -9.29 -7.20
C SER G 105 -14.23 -9.94 -8.50
N GLY G 106 -13.03 -9.57 -8.95
CA GLY G 106 -12.52 -10.07 -10.21
C GLY G 106 -13.01 -9.24 -11.39
N GLU G 107 -12.53 -9.62 -12.57
CA GLU G 107 -12.86 -8.89 -13.79
C GLU G 107 -12.67 -9.81 -14.98
N PHE G 108 -13.46 -9.59 -16.01
CA PHE G 108 -13.28 -10.26 -17.28
C PHE G 108 -12.30 -9.47 -18.15
N GLN G 109 -11.53 -10.18 -18.96
CA GLN G 109 -10.68 -9.58 -19.98
C GLN G 109 -11.43 -9.65 -21.30
N VAL G 110 -11.73 -8.49 -21.88
CA VAL G 110 -12.65 -8.39 -23.01
C VAL G 110 -11.97 -7.65 -24.15
N GLU G 111 -12.25 -8.08 -25.38
CA GLU G 111 -11.80 -7.43 -26.59
C GLU G 111 -13.01 -7.10 -27.46
N VAL G 112 -13.02 -5.90 -28.03
CA VAL G 112 -14.10 -5.46 -28.91
C VAL G 112 -13.49 -5.00 -30.23
N ILE G 113 -14.07 -5.47 -31.34
CA ILE G 113 -13.71 -5.01 -32.67
C ILE G 113 -14.95 -4.44 -33.33
N ILE G 114 -14.85 -3.21 -33.83
CA ILE G 114 -15.88 -2.65 -34.71
C ILE G 114 -15.61 -3.21 -36.10
N GLU G 115 -16.37 -4.23 -36.50
CA GLU G 115 -16.10 -4.89 -37.77
C GLU G 115 -16.42 -3.98 -38.96
N SER G 116 -17.39 -3.09 -38.82
CA SER G 116 -17.75 -2.19 -39.90
C SER G 116 -18.57 -1.02 -39.37
N ARG G 117 -18.50 0.10 -40.08
CA ARG G 117 -19.29 1.28 -39.79
C ARG G 117 -20.38 1.39 -40.85
N TYR G 118 -21.61 1.66 -40.42
CA TYR G 118 -22.76 1.57 -41.32
C TYR G 118 -22.56 2.41 -42.58
N SER G 119 -22.64 1.75 -43.73
CA SER G 119 -22.67 2.40 -45.03
C SER G 119 -23.46 1.50 -45.97
N PRO G 120 -24.64 1.91 -46.43
CA PRO G 120 -25.43 1.05 -47.31
C PRO G 120 -25.04 1.17 -48.77
N LEU G 121 -25.35 0.11 -49.52
CA LEU G 121 -25.32 0.20 -50.97
C LEU G 121 -26.33 1.25 -51.42
N LYS G 122 -25.95 2.05 -52.41
CA LYS G 122 -26.84 3.09 -52.93
C LYS G 122 -26.88 3.08 -54.45
N SER H 2 -3.27 33.67 18.70
CA SER H 2 -4.15 32.55 18.36
C SER H 2 -5.50 33.06 17.86
N ASP H 3 -6.20 32.21 17.09
CA ASP H 3 -7.57 32.53 16.72
C ASP H 3 -8.47 32.60 17.94
N TRP H 4 -8.20 31.77 18.94
CA TRP H 4 -8.92 31.79 20.20
C TRP H 4 -8.00 31.27 21.30
N SER H 5 -7.99 31.96 22.43
CA SER H 5 -7.26 31.49 23.60
C SER H 5 -8.11 31.75 24.82
N GLY H 6 -8.22 30.74 25.69
CA GLY H 6 -9.05 30.87 26.87
C GLY H 6 -8.96 29.65 27.74
N SER H 7 -9.79 29.64 28.76
CA SER H 7 -9.80 28.58 29.75
C SER H 7 -10.88 27.54 29.42
N VAL H 8 -10.58 26.30 29.76
CA VAL H 8 -11.55 25.21 29.71
C VAL H 8 -11.73 24.69 31.13
N PRO H 9 -12.76 25.15 31.85
CA PRO H 9 -12.94 24.71 33.24
C PRO H 9 -13.25 23.23 33.32
N ALA H 10 -12.63 22.56 34.29
CA ALA H 10 -12.86 21.14 34.49
C ALA H 10 -14.28 20.86 34.96
N ASN H 11 -14.91 21.80 35.65
CA ASN H 11 -16.25 21.60 36.19
C ASN H 11 -17.36 22.00 35.20
N ALA H 12 -17.00 22.36 33.98
CA ALA H 12 -17.98 22.78 32.97
C ALA H 12 -18.42 21.53 32.20
N GLU H 13 -19.61 21.03 32.53
CA GLU H 13 -20.08 19.79 31.91
C GLU H 13 -20.41 19.98 30.44
N ASN H 14 -20.77 21.19 30.02
CA ASN H 14 -21.05 21.49 28.63
C ASN H 14 -19.84 22.05 27.89
N GLY H 15 -18.68 22.13 28.54
CA GLY H 15 -17.49 22.61 27.89
C GLY H 15 -17.46 24.11 27.75
N LYS H 16 -16.54 24.57 26.89
CA LYS H 16 -16.30 25.98 26.66
C LYS H 16 -16.48 26.26 25.17
N SER H 17 -17.42 27.15 24.84
CA SER H 17 -17.63 27.55 23.46
C SER H 17 -16.57 28.56 23.05
N THR H 18 -15.90 28.30 21.92
CA THR H 18 -14.84 29.17 21.45
C THR H 18 -15.32 30.24 20.49
N GLY H 19 -16.53 30.11 19.96
CA GLY H 19 -17.02 31.00 18.92
C GLY H 19 -16.44 30.74 17.55
N LEU H 20 -15.46 29.84 17.43
CA LEU H 20 -14.89 29.49 16.13
C LEU H 20 -15.85 28.57 15.40
N ILE H 21 -16.30 29.00 14.22
CA ILE H 21 -17.22 28.21 13.39
C ILE H 21 -16.38 27.51 12.34
N LEU H 22 -16.20 26.21 12.49
CA LEU H 22 -15.37 25.42 11.60
C LEU H 22 -16.19 24.78 10.50
N LYS H 23 -15.55 24.58 9.35
CA LYS H 23 -16.17 23.90 8.22
C LYS H 23 -15.34 22.65 7.89
N GLN H 24 -16.01 21.64 7.37
CA GLN H 24 -15.32 20.45 6.90
C GLN H 24 -14.24 20.84 5.91
N GLY H 25 -13.02 20.38 6.15
CA GLY H 25 -11.89 20.66 5.30
C GLY H 25 -10.97 21.75 5.82
N ASP H 26 -11.44 22.58 6.76
CA ASP H 26 -10.52 23.45 7.47
C ASP H 26 -9.46 22.61 8.16
N THR H 27 -8.34 23.25 8.51
CA THR H 27 -7.36 22.61 9.37
C THR H 27 -7.09 23.52 10.57
N ILE H 28 -6.84 22.89 11.72
CA ILE H 28 -6.64 23.61 12.97
C ILE H 28 -5.46 23.04 13.72
N SER H 29 -4.94 23.84 14.64
CA SER H 29 -3.95 23.41 15.61
C SER H 29 -4.40 23.85 17.00
N VAL H 30 -4.07 23.04 17.99
CA VAL H 30 -4.46 23.30 19.37
C VAL H 30 -3.32 22.90 20.29
N VAL H 31 -3.10 23.69 21.33
CA VAL H 31 -2.22 23.32 22.44
C VAL H 31 -2.93 23.63 23.74
N ALA H 32 -2.75 22.77 24.74
CA ALA H 32 -3.44 22.89 26.01
C ALA H 32 -2.42 22.76 27.14
N HIS H 33 -2.49 23.67 28.09
CA HIS H 33 -1.56 23.71 29.21
C HIS H 33 -2.32 23.63 30.53
N GLY H 34 -1.63 23.17 31.57
CA GLY H 34 -2.11 23.29 32.92
C GLY H 34 -2.64 21.99 33.47
N TRP H 35 -3.28 22.12 34.64
CA TRP H 35 -3.70 20.99 35.44
C TRP H 35 -5.11 21.23 35.96
N VAL H 36 -5.86 20.14 36.10
CA VAL H 36 -7.17 20.18 36.71
C VAL H 36 -7.28 19.02 37.70
N LYS H 37 -8.27 19.13 38.57
CA LYS H 37 -8.69 18.03 39.43
C LYS H 37 -10.01 17.50 38.90
N TYR H 38 -10.09 16.19 38.67
CA TYR H 38 -11.36 15.55 38.38
C TYR H 38 -11.94 14.90 39.64
N GLY H 39 -11.33 15.15 40.80
CA GLY H 39 -11.83 14.66 42.07
C GLY H 39 -11.07 15.29 43.19
N ARG H 40 -11.54 15.04 44.41
CA ARG H 40 -11.00 15.67 45.60
C ARG H 40 -9.78 14.96 46.18
N ASP H 41 -9.57 13.70 45.83
CA ASP H 41 -8.43 12.95 46.33
C ASP H 41 -7.13 13.54 45.79
N ASN H 42 -6.03 13.25 46.52
CA ASN H 42 -4.74 13.83 46.18
C ASN H 42 -4.22 13.36 44.82
N VAL H 43 -4.72 12.23 44.31
CA VAL H 43 -4.18 11.66 43.08
C VAL H 43 -5.02 11.98 41.85
N GLU H 44 -6.23 12.50 42.01
CA GLU H 44 -7.14 12.70 40.87
C GLU H 44 -6.81 14.00 40.14
N TRP H 45 -5.60 14.05 39.61
CA TRP H 45 -5.13 15.12 38.73
C TRP H 45 -5.22 14.67 37.28
N ALA H 46 -5.37 15.65 36.39
CA ALA H 46 -5.38 15.36 34.96
C ALA H 46 -4.69 16.49 34.20
N ALA H 47 -3.84 16.11 33.27
CA ALA H 47 -3.39 17.00 32.20
C ALA H 47 -4.36 16.90 31.04
N PRO H 48 -4.23 17.77 30.04
CA PRO H 48 -5.13 17.63 28.87
C PRO H 48 -5.10 16.22 28.28
N ASP H 49 -3.93 15.58 28.24
CA ASP H 49 -3.84 14.22 27.74
C ASP H 49 -4.66 13.23 28.55
N GLY H 50 -4.95 13.54 29.82
CA GLY H 50 -5.76 12.67 30.63
C GLY H 50 -5.32 12.57 32.06
N PRO H 51 -5.94 11.65 32.81
CA PRO H 51 -5.55 11.46 34.21
C PRO H 51 -4.09 11.01 34.33
N VAL H 52 -3.46 11.41 35.43
CA VAL H 52 -2.13 10.88 35.75
C VAL H 52 -2.21 9.36 35.82
N PRO H 53 -1.29 8.62 35.20
CA PRO H 53 -1.47 7.16 35.09
C PRO H 53 -1.42 6.40 36.41
N ASN H 54 -1.16 7.03 37.55
CA ASN H 54 -1.24 6.29 38.81
C ASN H 54 -2.67 6.16 39.32
N ASN H 55 -3.65 6.72 38.60
CA ASN H 55 -5.05 6.54 38.94
C ASN H 55 -5.85 6.59 37.63
N PRO H 56 -5.64 5.60 36.76
CA PRO H 56 -6.17 5.68 35.40
C PRO H 56 -7.69 5.53 35.37
N GLN H 57 -8.26 6.06 34.31
CA GLN H 57 -9.72 6.05 34.07
C GLN H 57 -9.98 5.44 32.71
N PRO H 58 -11.24 5.15 32.39
CA PRO H 58 -11.57 4.59 31.08
C PRO H 58 -11.12 5.50 29.95
N SER H 59 -11.10 4.94 28.74
CA SER H 59 -10.55 5.63 27.59
C SER H 59 -11.30 6.94 27.33
N SER H 60 -10.55 8.01 27.08
CA SER H 60 -11.04 9.33 26.74
C SER H 60 -11.63 10.06 27.95
N ILE H 61 -11.82 9.39 29.09
CA ILE H 61 -12.41 10.04 30.25
C ILE H 61 -11.40 10.98 30.88
N ALA H 62 -11.87 12.15 31.31
CA ALA H 62 -11.03 13.15 31.94
C ALA H 62 -9.87 13.55 31.03
N THR H 63 -10.16 13.66 29.74
CA THR H 63 -9.22 14.20 28.76
C THR H 63 -9.86 15.42 28.09
N LEU H 64 -9.02 16.27 27.53
CA LEU H 64 -9.52 17.40 26.74
C LEU H 64 -9.92 16.89 25.36
N VAL H 65 -11.18 17.14 24.99
CA VAL H 65 -11.70 16.74 23.69
C VAL H 65 -12.33 17.95 23.02
N ALA H 66 -12.53 17.82 21.71
CA ALA H 66 -13.19 18.85 20.92
C ALA H 66 -14.57 18.34 20.51
N LYS H 67 -15.59 19.14 20.78
CA LYS H 67 -16.95 18.85 20.34
C LYS H 67 -17.26 19.73 19.13
N ILE H 68 -17.60 19.08 18.02
CA ILE H 68 -18.03 19.78 16.81
C ILE H 68 -19.28 19.06 16.30
N ALA H 69 -20.39 19.79 16.20
CA ALA H 69 -21.67 19.20 15.81
C ALA H 69 -22.00 18.01 16.70
N ASN H 70 -21.67 18.14 17.98
CA ASN H 70 -21.96 17.14 19.02
C ASN H 70 -21.17 15.86 18.84
N LYS H 71 -20.17 15.83 17.96
CA LYS H 71 -19.25 14.70 17.88
C LYS H 71 -17.94 15.08 18.58
N LYS H 72 -17.33 14.10 19.23
CA LYS H 72 -16.13 14.32 20.03
C LYS H 72 -14.89 13.87 19.27
N PHE H 73 -13.83 14.66 19.37
CA PHE H 73 -12.56 14.35 18.76
C PHE H 73 -11.46 14.53 19.79
N ALA H 74 -10.48 13.62 19.76
CA ALA H 74 -9.37 13.68 20.69
C ALA H 74 -8.51 14.92 20.43
N ILE H 75 -8.13 15.60 21.50
CA ILE H 75 -7.23 16.74 21.41
C ILE H 75 -6.07 16.52 22.38
N GLY H 76 -6.39 16.33 23.65
CA GLY H 76 -5.35 16.12 24.64
C GLY H 76 -4.45 17.34 24.77
N ASN H 77 -3.15 17.08 24.90
CA ASN H 77 -2.19 18.17 25.03
C ASN H 77 -2.13 19.04 23.78
N GLY H 78 -2.57 18.53 22.64
CA GLY H 78 -2.66 19.36 21.45
C GLY H 78 -2.66 18.53 20.19
N VAL H 79 -2.89 19.22 19.08
CA VAL H 79 -2.83 18.63 17.75
C VAL H 79 -2.31 19.69 16.79
N LEU H 80 -1.70 19.24 15.69
CA LEU H 80 -1.08 20.14 14.73
C LEU H 80 -1.68 19.91 13.34
N HIS H 81 -2.24 20.97 12.77
CA HIS H 81 -2.68 20.99 11.38
C HIS H 81 -3.57 19.79 11.05
N LYS H 82 -4.60 19.60 11.86
CA LYS H 82 -5.54 18.50 11.65
C LYS H 82 -6.74 18.98 10.86
N THR H 83 -7.24 18.13 9.97
CA THR H 83 -8.38 18.47 9.14
C THR H 83 -9.68 18.28 9.91
N VAL H 84 -10.58 19.25 9.76
CA VAL H 84 -11.88 19.22 10.44
C VAL H 84 -12.81 18.32 9.63
N PRO H 85 -13.40 17.27 10.22
CA PRO H 85 -14.27 16.38 9.45
C PRO H 85 -15.73 16.80 9.33
N VAL H 86 -16.20 17.77 10.11
CA VAL H 86 -17.61 18.14 10.11
C VAL H 86 -17.74 19.63 10.38
N ASP H 87 -18.85 20.22 9.92
CA ASP H 87 -19.16 21.61 10.20
C ASP H 87 -19.67 21.77 11.62
N GLY H 88 -19.32 22.87 12.25
CA GLY H 88 -19.89 23.20 13.55
C GLY H 88 -18.99 24.14 14.32
N GLU H 89 -19.56 24.70 15.39
CA GLU H 89 -18.78 25.50 16.32
C GLU H 89 -17.87 24.60 17.15
N LEU H 90 -16.64 25.04 17.33
CA LEU H 90 -15.69 24.29 18.16
C LEU H 90 -16.02 24.52 19.63
N ILE H 91 -16.34 23.44 20.34
CA ILE H 91 -16.50 23.44 21.79
C ILE H 91 -15.38 22.61 22.36
N LEU H 92 -14.68 23.14 23.36
CA LEU H 92 -13.62 22.42 24.07
C LEU H 92 -14.19 21.90 25.39
N LEU H 93 -13.95 20.62 25.66
CA LEU H 93 -14.61 19.95 26.78
C LEU H 93 -13.60 19.13 27.56
N PHE H 94 -13.67 19.25 28.89
CA PHE H 94 -13.01 18.30 29.79
C PHE H 94 -13.95 17.10 29.91
N ASN H 95 -13.59 15.99 29.27
CA ASN H 95 -14.50 14.87 29.04
C ASN H 95 -14.59 13.95 30.26
N ASP H 96 -15.02 14.54 31.38
CA ASP H 96 -15.24 13.75 32.60
C ASP H 96 -16.51 12.93 32.45
N VAL H 97 -16.66 11.94 33.32
CA VAL H 97 -17.86 11.09 33.28
C VAL H 97 -19.09 11.98 33.51
N PRO H 98 -20.13 11.87 32.68
CA PRO H 98 -21.32 12.72 32.89
C PRO H 98 -21.89 12.57 34.29
N GLY H 99 -22.27 13.70 34.87
CA GLY H 99 -22.81 13.73 36.22
C GLY H 99 -21.78 13.74 37.32
N THR H 100 -20.49 13.79 36.99
CA THR H 100 -19.43 13.74 38.00
C THR H 100 -18.55 14.99 37.95
N PHE H 101 -19.03 16.06 37.31
CA PHE H 101 -18.26 17.30 37.26
C PHE H 101 -18.28 18.08 38.56
N GLY H 102 -19.11 17.67 39.53
CA GLY H 102 -19.31 18.43 40.75
C GLY H 102 -18.09 18.53 41.64
N ASP H 103 -17.15 17.57 41.53
CA ASP H 103 -15.94 17.60 42.34
C ASP H 103 -14.72 18.04 41.53
N ASN H 104 -14.93 18.67 40.38
CA ASN H 104 -13.85 19.12 39.54
C ASN H 104 -13.46 20.56 39.86
N SER H 105 -12.19 20.89 39.63
CA SER H 105 -11.70 22.24 39.84
C SER H 105 -10.51 22.49 38.93
N GLY H 106 -10.16 23.75 38.79
CA GLY H 106 -9.09 24.14 37.89
C GLY H 106 -9.57 24.25 36.45
N GLU H 107 -8.65 24.69 35.61
CA GLU H 107 -8.95 24.89 34.19
C GLU H 107 -7.68 24.78 33.38
N PHE H 108 -7.82 24.23 32.17
CA PHE H 108 -6.73 24.26 31.20
C PHE H 108 -6.71 25.61 30.49
N GLN H 109 -5.51 26.02 30.08
CA GLN H 109 -5.33 27.18 29.23
C GLN H 109 -5.02 26.69 27.83
N VAL H 110 -5.88 27.02 26.88
CA VAL H 110 -5.87 26.41 25.56
C VAL H 110 -5.74 27.49 24.49
N GLU H 111 -4.94 27.20 23.46
CA GLU H 111 -4.81 28.06 22.30
C GLU H 111 -5.27 27.28 21.07
N VAL H 112 -6.03 27.94 20.21
CA VAL H 112 -6.53 27.34 18.98
C VAL H 112 -6.18 28.25 17.81
N ILE H 113 -5.69 27.66 16.73
CA ILE H 113 -5.38 28.38 15.50
C ILE H 113 -6.09 27.67 14.35
N ILE H 114 -6.83 28.44 13.55
CA ILE H 114 -7.36 27.94 12.29
C ILE H 114 -6.25 28.08 11.27
N GLU H 115 -5.58 26.97 10.95
CA GLU H 115 -4.43 27.02 10.06
C GLU H 115 -4.83 27.33 8.63
N SER H 116 -6.01 26.88 8.21
CA SER H 116 -6.48 27.17 6.86
C SER H 116 -7.98 26.89 6.79
N ARG H 117 -8.64 27.61 5.89
CA ARG H 117 -10.05 27.41 5.61
C ARG H 117 -10.17 26.69 4.27
N TYR H 118 -11.10 25.74 4.20
CA TYR H 118 -11.12 24.80 3.08
C TYR H 118 -11.18 25.53 1.74
N SER H 119 -10.28 25.15 0.84
CA SER H 119 -10.29 25.64 -0.54
C SER H 119 -9.63 24.58 -1.42
N PRO H 120 -10.35 24.01 -2.38
CA PRO H 120 -9.78 22.90 -3.16
C PRO H 120 -8.88 23.38 -4.29
N LEU H 121 -7.85 22.59 -4.54
CA LEU H 121 -7.11 22.69 -5.78
C LEU H 121 -8.03 22.30 -6.94
N LYS H 122 -8.15 23.17 -7.93
CA LYS H 122 -9.08 22.91 -9.03
C LYS H 122 -8.62 23.53 -10.34
#